data_7QOS
#
_entry.id   7QOS
#
_cell.length_a   67.740
_cell.length_b   77.280
_cell.length_c   86.360
_cell.angle_alpha   90.000
_cell.angle_beta   96.620
_cell.angle_gamma   90.000
#
_symmetry.space_group_name_H-M   'P 1 21 1'
#
loop_
_entity.id
_entity.type
_entity.pdbx_description
1 polymer 'Cyclopropane-fatty-acyl-phospholipid synthase'
2 non-polymer '2-azanylethyl-[(2~{S})-2,3-di(hexadecanoyloxy)propoxy]phosphinic acid'
3 non-polymer 'CARBONATE ION'
4 non-polymer S-ADENOSYL-L-HOMOCYSTEINE
5 non-polymer S-ADENOSYLMETHIONINE
6 water water
#
_entity_poly.entity_id   1
_entity_poly.type   'polypeptide(L)'
_entity_poly.pdbx_seq_one_letter_code
;MIKEAIVERIVNKLNENQKEKIGVELPSGKRIPEFPVSHLIRFKTWKSLDYVLKDPEMGFGEGYMNGDIEVEGDLEEVIK
RGMTLFKDTRKFEKLFGILRHVPLFRTIRDERNVKHHYDLGNDFYRLWLDKSMTYSCAFFEDPSMSIDEAQSLKRRMIYE
KLQLKEGDTLLDIGCGWGSIILESAELYNVKSVGITLSDNQYEYVKEEIKKRGLQDKVEVYKLHYVDLPKLGRKFNKVVS
VGMFEHVGKENYETFFNTVYRVMEEGGLFLLHTIGKLHPDTQSRWIRKYIFPGGYLPSISEIVESFRDMDFTLIDFDNWR
MHYYWTLKKWKERFYENLDKIRNMFDDRFIRMWELYLTASAVSFLIGSNYVFQTLLSKGVKDDYPVIKREFSGVLFKEGT
;
_entity_poly.pdbx_strand_id   A,B
#
# COMPACT_ATOMS: atom_id res chain seq x y z
N ALA A 5 31.25 -33.46 -1.46
CA ALA A 5 30.15 -34.34 -1.07
C ALA A 5 28.88 -33.52 -0.82
N ILE A 6 28.77 -32.96 0.38
CA ILE A 6 27.79 -31.91 0.63
C ILE A 6 28.05 -30.73 -0.30
N VAL A 7 29.33 -30.44 -0.56
CA VAL A 7 29.69 -29.34 -1.45
C VAL A 7 29.17 -29.60 -2.85
N GLU A 8 29.27 -30.83 -3.34
CA GLU A 8 28.81 -31.13 -4.69
C GLU A 8 27.30 -30.99 -4.81
N ARG A 9 26.55 -31.34 -3.77
CA ARG A 9 25.11 -31.17 -3.79
C ARG A 9 24.72 -29.70 -3.91
N ILE A 10 25.40 -28.83 -3.17
CA ILE A 10 25.10 -27.39 -3.21
C ILE A 10 25.41 -26.84 -4.60
N VAL A 11 26.57 -27.19 -5.15
CA VAL A 11 26.92 -26.72 -6.48
C VAL A 11 25.88 -27.17 -7.49
N ASN A 12 25.42 -28.42 -7.36
CA ASN A 12 24.39 -28.94 -8.25
C ASN A 12 23.11 -28.12 -8.13
N LYS A 13 22.68 -27.83 -6.91
CA LYS A 13 21.48 -27.00 -6.70
C LYS A 13 21.65 -25.62 -7.32
N LEU A 14 22.84 -25.03 -7.17
CA LEU A 14 23.06 -23.69 -7.68
C LEU A 14 23.03 -23.63 -9.19
N ASN A 15 23.18 -24.77 -9.87
CA ASN A 15 23.34 -24.78 -11.32
C ASN A 15 22.13 -25.35 -12.06
N GLU A 16 21.14 -25.84 -11.33
CA GLU A 16 19.89 -26.34 -11.93
C GLU A 16 19.31 -25.33 -12.91
N ASN A 17 19.18 -25.77 -14.16
CA ASN A 17 18.55 -24.97 -15.22
C ASN A 17 19.24 -23.63 -15.42
N GLN A 18 20.54 -23.56 -15.15
CA GLN A 18 21.30 -22.34 -15.29
C GLN A 18 22.29 -22.49 -16.43
N LYS A 19 22.29 -21.52 -17.35
CA LYS A 19 23.29 -21.50 -18.41
C LYS A 19 24.68 -21.26 -17.84
N GLU A 20 24.81 -20.20 -17.04
CA GLU A 20 26.10 -19.85 -16.43
C GLU A 20 26.29 -20.70 -15.18
N LYS A 21 27.18 -21.69 -15.26
CA LYS A 21 27.43 -22.57 -14.14
C LYS A 21 28.34 -21.89 -13.13
N ILE A 22 28.09 -22.16 -11.86
CA ILE A 22 28.97 -21.73 -10.78
C ILE A 22 29.78 -22.94 -10.33
N GLY A 23 31.06 -22.72 -10.05
CA GLY A 23 31.91 -23.78 -9.53
C GLY A 23 32.59 -23.34 -8.25
N VAL A 24 33.14 -24.33 -7.55
CA VAL A 24 33.85 -24.12 -6.29
C VAL A 24 35.26 -24.66 -6.44
N GLU A 25 36.25 -23.92 -5.94
CA GLU A 25 37.61 -24.43 -5.80
C GLU A 25 37.90 -24.60 -4.32
N LEU A 26 38.25 -25.81 -3.92
CA LEU A 26 38.51 -26.14 -2.53
C LEU A 26 39.92 -25.69 -2.13
N PRO A 27 40.21 -25.61 -0.83
CA PRO A 27 41.57 -25.22 -0.42
C PRO A 27 42.65 -26.12 -0.98
N SER A 28 42.34 -27.39 -1.25
CA SER A 28 43.28 -28.30 -1.88
C SER A 28 43.59 -27.93 -3.33
N GLY A 29 42.78 -27.06 -3.94
CA GLY A 29 42.86 -26.81 -5.36
C GLY A 29 41.91 -27.65 -6.20
N LYS A 30 41.24 -28.62 -5.59
CA LYS A 30 40.29 -29.45 -6.34
C LYS A 30 39.06 -28.64 -6.71
N ARG A 31 38.57 -28.82 -7.92
CA ARG A 31 37.43 -28.10 -8.44
C ARG A 31 36.17 -28.95 -8.37
N ILE A 32 35.06 -28.32 -8.04
CA ILE A 32 33.74 -28.96 -8.12
C ILE A 32 32.79 -27.99 -8.81
N PRO A 33 32.35 -28.28 -10.05
CA PRO A 33 32.71 -29.48 -10.80
C PRO A 33 34.12 -29.38 -11.40
N GLU A 34 34.66 -30.53 -11.83
CA GLU A 34 35.95 -30.57 -12.52
C GLU A 34 35.84 -30.23 -13.99
N PHE A 35 35.06 -29.19 -14.32
CA PHE A 35 34.83 -28.73 -15.68
C PHE A 35 34.76 -27.22 -15.65
N PRO A 36 35.00 -26.56 -16.80
CA PRO A 36 34.98 -25.09 -16.81
C PRO A 36 33.61 -24.54 -16.42
N VAL A 37 33.62 -23.43 -15.68
CA VAL A 37 32.42 -22.80 -15.16
C VAL A 37 32.46 -21.31 -15.46
N SER A 38 31.29 -20.67 -15.35
CA SER A 38 31.20 -19.24 -15.61
C SER A 38 31.62 -18.39 -14.40
N HIS A 39 31.41 -18.90 -13.20
CA HIS A 39 31.74 -18.17 -11.97
C HIS A 39 32.36 -19.14 -10.99
N LEU A 40 33.56 -18.81 -10.52
CA LEU A 40 34.32 -19.67 -9.62
C LEU A 40 34.42 -19.05 -8.24
N ILE A 41 34.04 -19.81 -7.23
CA ILE A 41 34.19 -19.42 -5.84
C ILE A 41 35.34 -20.22 -5.24
N ARG A 42 36.44 -19.55 -4.93
CA ARG A 42 37.62 -20.19 -4.34
C ARG A 42 37.60 -20.01 -2.82
N PHE A 43 37.78 -21.12 -2.11
CA PHE A 43 37.93 -21.11 -0.65
C PHE A 43 39.39 -21.37 -0.33
N LYS A 44 40.03 -20.44 0.37
CA LYS A 44 41.46 -20.58 0.65
C LYS A 44 41.72 -21.40 1.90
N THR A 45 40.76 -21.48 2.82
CA THR A 45 40.90 -22.25 4.04
C THR A 45 39.69 -23.16 4.19
N TRP A 46 39.93 -24.34 4.74
CA TRP A 46 38.82 -25.20 5.11
C TRP A 46 37.94 -24.55 6.16
N LYS A 47 38.53 -23.72 7.01
CA LYS A 47 37.74 -23.01 8.02
C LYS A 47 36.71 -22.10 7.38
N SER A 48 37.09 -21.41 6.28
CA SER A 48 36.17 -20.50 5.61
C SER A 48 35.04 -21.27 4.95
N LEU A 49 35.34 -22.45 4.39
CA LEU A 49 34.31 -23.29 3.81
C LEU A 49 33.37 -23.82 4.90
N ASP A 50 33.93 -24.33 6.00
CA ASP A 50 33.12 -24.73 7.14
C ASP A 50 32.20 -23.62 7.59
N TYR A 51 32.73 -22.40 7.68
CA TYR A 51 31.94 -21.27 8.14
C TYR A 51 30.75 -21.03 7.22
N VAL A 52 30.98 -21.05 5.90
CA VAL A 52 29.90 -20.82 4.94
C VAL A 52 28.84 -21.90 5.05
N LEU A 53 29.27 -23.16 5.13
CA LEU A 53 28.32 -24.27 5.23
C LEU A 53 27.45 -24.13 6.48
N LYS A 54 28.05 -23.64 7.58
CA LYS A 54 27.31 -23.51 8.83
C LYS A 54 26.48 -22.23 8.88
N ASP A 55 26.97 -21.16 8.28
CA ASP A 55 26.32 -19.84 8.34
C ASP A 55 26.61 -19.15 7.03
N PRO A 56 25.79 -19.39 5.99
CA PRO A 56 26.11 -18.82 4.67
C PRO A 56 26.23 -17.30 4.66
N GLU A 57 25.34 -16.60 5.34
CA GLU A 57 25.38 -15.14 5.30
C GLU A 57 26.64 -14.59 5.96
N MET A 58 26.85 -14.90 7.25
CA MET A 58 28.03 -14.39 7.93
C MET A 58 29.30 -15.04 7.41
N GLY A 59 29.23 -16.33 7.10
CA GLY A 59 30.41 -17.02 6.61
C GLY A 59 30.90 -16.48 5.29
N PHE A 60 29.97 -16.24 4.35
CA PHE A 60 30.41 -15.69 3.07
C PHE A 60 30.83 -14.25 3.23
N GLY A 61 30.08 -13.46 3.99
CA GLY A 61 30.40 -12.05 4.12
C GLY A 61 31.77 -11.83 4.75
N GLU A 62 32.04 -12.53 5.86
CA GLU A 62 33.32 -12.36 6.52
C GLU A 62 34.45 -13.03 5.75
N GLY A 63 34.17 -14.19 5.15
CA GLY A 63 35.19 -14.83 4.35
C GLY A 63 35.59 -14.02 3.13
N TYR A 64 34.62 -13.37 2.49
CA TYR A 64 34.93 -12.51 1.35
C TYR A 64 35.71 -11.27 1.79
N MET A 65 35.22 -10.62 2.85
CA MET A 65 35.92 -9.47 3.42
C MET A 65 37.37 -9.79 3.73
N ASN A 66 37.60 -10.89 4.42
CA ASN A 66 38.94 -11.23 4.92
C ASN A 66 39.84 -11.83 3.84
N GLY A 67 39.31 -12.07 2.65
CA GLY A 67 40.11 -12.56 1.56
C GLY A 67 40.19 -14.06 1.48
N ASP A 68 39.54 -14.79 2.39
CA ASP A 68 39.54 -16.25 2.34
C ASP A 68 38.68 -16.79 1.21
N ILE A 69 37.70 -16.01 0.75
CA ILE A 69 36.83 -16.42 -0.33
C ILE A 69 37.03 -15.46 -1.50
N GLU A 70 37.39 -16.00 -2.66
CA GLU A 70 37.56 -15.22 -3.87
C GLU A 70 36.50 -15.63 -4.88
N VAL A 71 36.07 -14.67 -5.69
CA VAL A 71 35.08 -14.92 -6.73
C VAL A 71 35.68 -14.49 -8.05
N GLU A 72 35.79 -15.44 -8.97
CA GLU A 72 36.17 -15.18 -10.35
C GLU A 72 34.91 -15.22 -11.20
N GLY A 73 34.61 -14.11 -11.87
CA GLY A 73 33.38 -13.97 -12.62
C GLY A 73 32.57 -12.79 -12.11
N ASP A 74 31.27 -12.97 -12.05
CA ASP A 74 30.36 -11.88 -11.71
C ASP A 74 29.89 -12.07 -10.27
N LEU A 75 30.32 -11.18 -9.37
CA LEU A 75 29.95 -11.28 -7.97
C LEU A 75 28.43 -11.18 -7.79
N GLU A 76 27.77 -10.31 -8.55
CA GLU A 76 26.33 -10.19 -8.38
C GLU A 76 25.62 -11.50 -8.71
N GLU A 77 26.02 -12.17 -9.81
CA GLU A 77 25.39 -13.44 -10.15
C GLU A 77 25.59 -14.46 -9.04
N VAL A 78 26.80 -14.54 -8.49
CA VAL A 78 27.07 -15.48 -7.40
C VAL A 78 26.19 -15.15 -6.19
N ILE A 79 26.17 -13.88 -5.80
CA ILE A 79 25.36 -13.49 -4.65
C ILE A 79 23.89 -13.74 -4.94
N LYS A 80 23.43 -13.43 -6.15
CA LYS A 80 22.03 -13.66 -6.48
C LYS A 80 21.67 -15.15 -6.34
N ARG A 81 22.46 -16.03 -6.95
CA ARG A 81 22.14 -17.45 -6.90
C ARG A 81 22.22 -17.99 -5.47
N GLY A 82 23.23 -17.56 -4.71
CA GLY A 82 23.34 -17.99 -3.34
C GLY A 82 22.21 -17.49 -2.45
N MET A 83 21.90 -16.19 -2.54
CA MET A 83 20.84 -15.64 -1.71
C MET A 83 19.49 -16.22 -2.09
N THR A 84 19.29 -16.52 -3.38
CA THR A 84 18.05 -17.17 -3.81
C THR A 84 17.95 -18.58 -3.23
N LEU A 85 19.01 -19.37 -3.36
CA LEU A 85 19.01 -20.73 -2.84
C LEU A 85 18.84 -20.74 -1.32
N PHE A 86 19.63 -19.93 -0.63
CA PHE A 86 19.60 -19.89 0.83
C PHE A 86 18.63 -18.81 1.31
N HIS A 117 36.99 -0.32 12.64
CA HIS A 117 36.11 0.83 12.39
C HIS A 117 36.76 1.80 11.40
N TYR A 118 36.00 2.19 10.38
CA TYR A 118 36.45 3.16 9.39
C TYR A 118 35.68 4.46 9.58
N ASP A 119 36.38 5.59 9.45
CA ASP A 119 35.76 6.91 9.49
C ASP A 119 35.34 7.28 8.07
N LEU A 120 34.04 7.35 7.83
CA LEU A 120 33.52 7.58 6.48
C LEU A 120 33.20 9.06 6.36
N GLY A 121 34.11 9.79 5.75
CA GLY A 121 33.92 11.21 5.57
C GLY A 121 33.13 11.54 4.33
N ASN A 122 32.81 12.83 4.21
CA ASN A 122 32.11 13.30 3.03
C ASN A 122 32.90 13.02 1.75
N ASP A 123 34.23 12.98 1.84
CA ASP A 123 35.02 12.73 0.64
C ASP A 123 34.91 11.29 0.14
N PHE A 124 34.52 10.34 1.00
CA PHE A 124 34.24 8.98 0.54
C PHE A 124 32.90 8.93 -0.19
N TYR A 125 31.84 9.42 0.45
CA TYR A 125 30.50 9.35 -0.15
C TYR A 125 30.44 10.10 -1.47
N ARG A 126 31.18 11.21 -1.60
CA ARG A 126 31.14 12.00 -2.81
C ARG A 126 31.64 11.23 -4.02
N LEU A 127 32.41 10.16 -3.81
CA LEU A 127 32.97 9.37 -4.89
C LEU A 127 31.97 8.39 -5.50
N TRP A 128 30.80 8.17 -4.89
CA TRP A 128 29.88 7.24 -5.50
C TRP A 128 28.42 7.64 -5.39
N LEU A 129 28.04 8.51 -4.47
CA LEU A 129 26.71 9.11 -4.55
C LEU A 129 26.66 10.09 -5.73
N ASP A 130 25.44 10.52 -6.07
CA ASP A 130 25.27 11.50 -7.12
C ASP A 130 25.74 12.89 -6.65
N LYS A 131 25.64 13.87 -7.54
CA LYS A 131 26.10 15.22 -7.23
C LYS A 131 25.35 15.80 -6.04
N SER A 132 24.06 15.49 -5.90
CA SER A 132 23.26 15.99 -4.79
C SER A 132 23.52 15.25 -3.48
N MET A 133 24.37 14.23 -3.48
CA MET A 133 24.74 13.50 -2.27
C MET A 133 23.53 12.86 -1.61
N THR A 134 22.62 12.35 -2.43
CA THR A 134 21.41 11.71 -1.91
C THR A 134 21.69 10.24 -1.62
N TYR A 135 21.40 9.82 -0.39
CA TYR A 135 21.72 8.46 0.08
C TYR A 135 20.41 7.74 0.36
N SER A 136 19.69 7.39 -0.71
CA SER A 136 18.38 6.78 -0.65
C SER A 136 17.96 6.42 -2.07
N CYS A 137 16.88 5.67 -2.16
CA CYS A 137 16.40 5.17 -3.44
C CYS A 137 16.00 6.30 -4.40
N ALA A 138 16.54 6.26 -5.62
CA ALA A 138 16.15 7.16 -6.70
C ALA A 138 14.94 6.61 -7.45
N PHE A 139 14.48 7.32 -8.48
CA PHE A 139 13.41 6.82 -9.33
C PHE A 139 13.87 6.84 -10.79
N PHE A 140 13.86 5.67 -11.43
CA PHE A 140 14.35 5.51 -12.80
C PHE A 140 13.18 5.33 -13.76
N GLU A 141 12.96 6.31 -14.64
CA GLU A 141 12.05 6.08 -15.75
C GLU A 141 12.56 4.96 -16.66
N ASP A 142 13.86 4.70 -16.65
CA ASP A 142 14.50 3.67 -17.43
C ASP A 142 15.85 3.37 -16.79
N PRO A 143 16.35 2.14 -16.86
CA PRO A 143 17.66 1.85 -16.24
C PRO A 143 18.80 2.67 -16.82
N SER A 144 18.65 3.19 -18.05
CA SER A 144 19.74 3.96 -18.64
C SER A 144 19.86 5.36 -18.04
N MET A 145 18.83 5.82 -17.32
CA MET A 145 18.85 7.14 -16.69
C MET A 145 20.03 7.26 -15.75
N SER A 146 20.62 8.45 -15.69
CA SER A 146 21.74 8.70 -14.78
C SER A 146 21.24 8.81 -13.35
N ILE A 147 22.12 8.49 -12.40
CA ILE A 147 21.74 8.58 -10.98
C ILE A 147 21.34 10.00 -10.61
N ASP A 148 22.00 11.01 -11.21
CA ASP A 148 21.63 12.39 -10.90
C ASP A 148 20.22 12.69 -11.39
N GLU A 149 19.88 12.32 -12.63
CA GLU A 149 18.53 12.53 -13.12
C GLU A 149 17.52 11.77 -12.28
N ALA A 150 17.86 10.53 -11.90
CA ALA A 150 16.91 9.72 -11.14
C ALA A 150 16.68 10.27 -9.74
N GLN A 151 17.71 10.88 -9.13
CA GLN A 151 17.49 11.48 -7.82
C GLN A 151 16.71 12.78 -7.92
N SER A 152 16.97 13.58 -8.96
CA SER A 152 16.19 14.78 -9.19
C SER A 152 14.72 14.45 -9.41
N LEU A 153 14.45 13.40 -10.18
CA LEU A 153 13.07 12.98 -10.41
C LEU A 153 12.41 12.48 -9.12
N LYS A 154 13.15 11.67 -8.36
CA LYS A 154 12.67 11.23 -7.05
C LYS A 154 12.27 12.41 -6.17
N ARG A 155 13.11 13.46 -6.12
CA ARG A 155 12.77 14.62 -5.31
C ARG A 155 11.53 15.33 -5.85
N ARG A 156 11.45 15.50 -7.18
CA ARG A 156 10.27 16.14 -7.76
C ARG A 156 9.01 15.37 -7.42
N MET A 157 9.08 14.04 -7.48
CA MET A 157 7.89 13.23 -7.17
C MET A 157 7.49 13.40 -5.71
N ILE A 158 8.48 13.53 -4.81
CA ILE A 158 8.18 13.79 -3.41
C ILE A 158 7.53 15.16 -3.23
N TYR A 159 8.09 16.19 -3.88
CA TYR A 159 7.47 17.52 -3.78
C TYR A 159 6.03 17.49 -4.26
N GLU A 160 5.77 16.77 -5.35
CA GLU A 160 4.41 16.69 -5.90
C GLU A 160 3.48 15.94 -4.96
N LYS A 161 3.94 14.83 -4.38
CA LYS A 161 3.13 14.11 -3.41
C LYS A 161 2.77 14.99 -2.21
N LEU A 162 3.72 15.80 -1.75
CA LEU A 162 3.49 16.68 -0.63
C LEU A 162 2.72 17.94 -1.02
N GLN A 163 2.45 18.13 -2.31
CA GLN A 163 1.73 19.30 -2.80
C GLN A 163 2.41 20.59 -2.31
N LEU A 164 3.73 20.61 -2.42
CA LEU A 164 4.51 21.72 -1.87
C LEU A 164 4.15 23.01 -2.57
N LYS A 165 4.03 24.08 -1.79
CA LYS A 165 3.67 25.38 -2.31
C LYS A 165 4.29 26.45 -1.43
N GLU A 166 4.46 27.64 -2.01
CA GLU A 166 5.00 28.76 -1.26
C GLU A 166 4.16 28.99 0.00
N GLY A 167 4.85 29.22 1.12
CA GLY A 167 4.20 29.39 2.39
C GLY A 167 4.19 28.14 3.26
N ASP A 168 4.41 26.96 2.68
CA ASP A 168 4.50 25.75 3.47
C ASP A 168 5.70 25.81 4.40
N THR A 169 5.60 25.10 5.52
CA THR A 169 6.71 24.83 6.42
C THR A 169 7.07 23.35 6.31
N LEU A 170 8.30 23.06 5.89
CA LEU A 170 8.71 21.70 5.57
C LEU A 170 9.77 21.23 6.54
N LEU A 171 9.55 20.06 7.14
CA LEU A 171 10.50 19.42 8.03
C LEU A 171 11.01 18.15 7.37
N ASP A 172 12.33 18.00 7.27
CA ASP A 172 12.96 16.79 6.74
C ASP A 172 13.65 16.08 7.90
N ILE A 173 13.11 14.93 8.28
CA ILE A 173 13.60 14.18 9.42
C ILE A 173 14.67 13.20 8.93
N GLY A 174 15.93 13.50 9.23
CA GLY A 174 17.04 12.72 8.74
C GLY A 174 17.48 13.21 7.38
N CYS A 175 17.92 14.47 7.30
CA CYS A 175 18.04 15.17 6.03
C CYS A 175 19.33 14.86 5.26
N GLY A 176 20.23 14.08 5.84
CA GLY A 176 21.46 13.72 5.13
C GLY A 176 22.22 14.97 4.76
N TRP A 177 22.66 15.02 3.50
CA TRP A 177 23.45 16.13 2.99
C TRP A 177 22.59 17.24 2.40
N GLY A 178 21.28 17.25 2.69
CA GLY A 178 20.46 18.44 2.58
C GLY A 178 19.75 18.69 1.26
N SER A 179 19.83 17.77 0.28
CA SER A 179 19.31 18.11 -1.05
C SER A 179 17.83 18.51 -1.01
N ILE A 180 17.01 17.86 -0.18
CA ILE A 180 15.59 18.21 -0.18
C ILE A 180 15.36 19.56 0.50
N ILE A 181 15.99 19.82 1.65
CA ILE A 181 15.68 21.10 2.30
C ILE A 181 16.23 22.26 1.49
N LEU A 182 17.36 22.07 0.80
CA LEU A 182 17.92 23.15 0.00
C LEU A 182 17.08 23.41 -1.25
N GLU A 183 16.81 22.37 -2.02
CA GLU A 183 16.12 22.53 -3.29
C GLU A 183 14.67 22.95 -3.11
N SER A 184 13.99 22.44 -2.07
CA SER A 184 12.59 22.82 -1.88
C SER A 184 12.47 24.31 -1.64
N ALA A 185 13.41 24.89 -0.90
CA ALA A 185 13.38 26.33 -0.65
C ALA A 185 13.65 27.11 -1.92
N GLU A 186 14.58 26.61 -2.76
CA GLU A 186 14.92 27.32 -3.99
C GLU A 186 13.80 27.23 -5.02
N LEU A 187 13.13 26.08 -5.09
CA LEU A 187 12.14 25.88 -6.13
C LEU A 187 10.76 26.38 -5.74
N TYR A 188 10.38 26.26 -4.46
CA TYR A 188 9.02 26.56 -4.04
C TYR A 188 8.91 27.73 -3.08
N ASN A 189 10.02 28.26 -2.58
CA ASN A 189 10.00 29.32 -1.57
C ASN A 189 9.29 28.86 -0.30
N VAL A 190 9.50 27.60 0.07
CA VAL A 190 9.11 27.13 1.39
C VAL A 190 10.19 27.52 2.40
N LYS A 191 9.82 27.50 3.67
CA LYS A 191 10.79 27.55 4.76
C LYS A 191 11.01 26.11 5.22
N SER A 192 12.24 25.65 5.16
CA SER A 192 12.54 24.24 5.42
C SER A 192 13.49 24.09 6.60
N VAL A 193 13.32 22.98 7.31
CA VAL A 193 14.17 22.60 8.43
C VAL A 193 14.55 21.14 8.26
N GLY A 194 15.85 20.84 8.33
CA GLY A 194 16.32 19.47 8.37
C GLY A 194 17.03 19.16 9.67
N ILE A 195 16.88 17.91 10.14
CA ILE A 195 17.65 17.41 11.27
C ILE A 195 18.45 16.19 10.82
N THR A 196 19.66 16.07 11.34
CA THR A 196 20.54 14.93 11.08
C THR A 196 21.30 14.61 12.37
N LEU A 197 21.76 13.37 12.48
CA LEU A 197 22.65 12.99 13.57
C LEU A 197 24.12 13.13 13.24
N SER A 198 24.48 13.35 11.97
CA SER A 198 25.87 13.31 11.53
C SER A 198 26.48 14.71 11.58
N ASP A 199 27.59 14.83 12.32
CA ASP A 199 28.35 16.09 12.30
C ASP A 199 28.81 16.44 10.89
N ASN A 200 29.32 15.44 10.15
CA ASN A 200 29.82 15.70 8.81
C ASN A 200 28.71 16.23 7.90
N GLN A 201 27.50 15.68 8.03
CA GLN A 201 26.39 16.18 7.21
C GLN A 201 25.96 17.57 7.67
N TYR A 202 25.89 17.77 8.97
CA TYR A 202 25.48 19.06 9.51
C TYR A 202 26.38 20.19 9.00
N GLU A 203 27.69 20.02 9.09
CA GLU A 203 28.60 21.08 8.62
C GLU A 203 28.50 21.26 7.11
N TYR A 204 28.32 20.17 6.36
CA TYR A 204 28.16 20.27 4.92
C TYR A 204 26.92 21.07 4.54
N VAL A 205 25.78 20.79 5.20
CA VAL A 205 24.56 21.50 4.87
C VAL A 205 24.65 22.95 5.31
N LYS A 206 25.23 23.20 6.48
CA LYS A 206 25.47 24.57 6.94
C LYS A 206 26.23 25.37 5.88
N GLU A 207 27.29 24.77 5.33
CA GLU A 207 28.08 25.47 4.31
C GLU A 207 27.28 25.66 3.03
N GLU A 208 26.44 24.68 2.66
CA GLU A 208 25.60 24.85 1.47
C GLU A 208 24.59 25.96 1.66
N ILE A 209 24.04 26.10 2.87
CA ILE A 209 23.09 27.17 3.12
C ILE A 209 23.76 28.53 2.93
N LYS A 210 24.98 28.66 3.47
CA LYS A 210 25.76 29.89 3.30
C LYS A 210 26.10 30.15 1.83
N LYS A 211 26.61 29.13 1.14
CA LYS A 211 27.03 29.29 -0.25
C LYS A 211 25.88 29.73 -1.14
N ARG A 212 24.68 29.23 -0.88
CA ARG A 212 23.53 29.54 -1.73
C ARG A 212 22.71 30.72 -1.23
N GLY A 213 23.08 31.32 -0.11
CA GLY A 213 22.36 32.46 0.40
C GLY A 213 20.97 32.12 0.89
N LEU A 214 20.80 30.95 1.51
CA LEU A 214 19.51 30.46 1.96
C LEU A 214 19.33 30.61 3.47
N GLN A 215 20.13 31.44 4.13
CA GLN A 215 20.09 31.54 5.59
C GLN A 215 18.71 31.92 6.10
N ASP A 216 17.91 32.62 5.32
CA ASP A 216 16.60 33.05 5.78
C ASP A 216 15.49 32.09 5.38
N LYS A 217 15.82 31.03 4.64
CA LYS A 217 14.81 30.07 4.19
C LYS A 217 15.05 28.65 4.69
N VAL A 218 16.28 28.28 5.03
CA VAL A 218 16.65 26.91 5.35
C VAL A 218 17.40 26.90 6.68
N GLU A 219 17.02 25.97 7.57
CA GLU A 219 17.77 25.69 8.78
C GLU A 219 18.13 24.22 8.82
N VAL A 220 19.23 23.91 9.52
CA VAL A 220 19.65 22.53 9.76
C VAL A 220 20.15 22.44 11.20
N TYR A 221 19.83 21.32 11.84
CA TYR A 221 20.20 21.07 13.22
C TYR A 221 20.70 19.63 13.36
N LYS A 222 21.69 19.46 14.23
CA LYS A 222 22.12 18.14 14.66
C LYS A 222 21.21 17.74 15.81
N LEU A 223 20.27 16.85 15.53
CA LEU A 223 19.17 16.61 16.46
C LEU A 223 18.57 15.25 16.21
N HIS A 224 18.37 14.50 17.30
CA HIS A 224 17.58 13.27 17.29
C HIS A 224 16.10 13.61 17.15
N TYR A 225 15.34 12.79 16.41
CA TYR A 225 13.94 13.10 16.15
C TYR A 225 13.14 13.22 17.46
N VAL A 226 13.54 12.49 18.50
CA VAL A 226 12.76 12.53 19.74
C VAL A 226 12.77 13.92 20.36
N ASP A 227 13.76 14.74 20.03
CA ASP A 227 13.87 16.11 20.54
C ASP A 227 13.22 17.15 19.64
N LEU A 228 12.51 16.74 18.58
CA LEU A 228 11.84 17.69 17.71
C LEU A 228 10.91 18.67 18.43
N PRO A 229 10.17 18.30 19.48
CA PRO A 229 9.31 19.31 20.14
C PRO A 229 10.08 20.49 20.70
N LYS A 230 11.38 20.34 20.95
CA LYS A 230 12.16 21.44 21.49
C LYS A 230 12.32 22.58 20.50
N LEU A 231 12.18 22.32 19.19
CA LEU A 231 12.19 23.40 18.22
C LEU A 231 11.03 24.37 18.44
N GLY A 232 9.99 23.95 19.16
CA GLY A 232 8.86 24.83 19.45
C GLY A 232 8.10 25.26 18.22
N ARG A 233 8.05 24.42 17.18
CA ARG A 233 7.41 24.78 15.94
C ARG A 233 6.63 23.60 15.40
N LYS A 234 5.61 23.91 14.60
CA LYS A 234 4.87 22.87 13.88
C LYS A 234 5.08 23.08 12.40
N PHE A 235 4.84 22.03 11.62
CA PHE A 235 5.06 22.05 10.18
C PHE A 235 3.85 21.46 9.48
N ASN A 236 3.48 22.03 8.34
CA ASN A 236 2.36 21.42 7.62
C ASN A 236 2.82 20.39 6.58
N LYS A 237 4.12 20.29 6.30
CA LYS A 237 4.64 19.26 5.42
C LYS A 237 5.85 18.64 6.09
N VAL A 238 5.86 17.31 6.19
CA VAL A 238 6.96 16.58 6.81
C VAL A 238 7.38 15.48 5.85
N VAL A 239 8.69 15.29 5.69
CA VAL A 239 9.23 14.24 4.85
C VAL A 239 10.33 13.51 5.61
N SER A 240 10.43 12.20 5.39
CA SER A 240 11.52 11.41 5.95
C SER A 240 11.88 10.31 4.96
N VAL A 241 13.12 10.33 4.49
CA VAL A 241 13.57 9.44 3.42
C VAL A 241 14.82 8.72 3.88
N GLY A 242 14.75 7.39 3.98
CA GLY A 242 15.94 6.61 4.32
C GLY A 242 16.43 6.80 5.74
N MET A 243 15.59 7.33 6.62
CA MET A 243 15.92 7.49 8.03
C MET A 243 15.21 6.45 8.91
N PHE A 244 13.99 6.05 8.54
CA PHE A 244 13.16 5.19 9.38
C PHE A 244 13.81 3.85 9.65
N GLU A 245 14.64 3.35 8.73
CA GLU A 245 15.32 2.07 8.93
C GLU A 245 16.21 2.08 10.16
N HIS A 246 16.59 3.27 10.64
CA HIS A 246 17.47 3.39 11.78
C HIS A 246 16.74 3.66 13.09
N VAL A 247 15.40 3.69 13.05
CA VAL A 247 14.63 4.03 14.24
C VAL A 247 14.56 2.85 15.21
N GLY A 248 14.38 1.63 14.70
CA GLY A 248 14.22 0.47 15.56
C GLY A 248 12.77 0.21 15.89
N LYS A 249 12.32 -1.04 15.78
CA LYS A 249 10.90 -1.33 15.92
C LYS A 249 10.35 -0.89 17.27
N GLU A 250 11.14 -1.04 18.33
CA GLU A 250 10.67 -0.67 19.66
C GLU A 250 10.40 0.82 19.80
N ASN A 251 10.83 1.64 18.83
CA ASN A 251 10.68 3.08 18.89
C ASN A 251 9.68 3.62 17.88
N TYR A 252 8.95 2.76 17.16
CA TYR A 252 8.07 3.25 16.09
C TYR A 252 6.93 4.12 16.64
N GLU A 253 6.31 3.69 17.75
CA GLU A 253 5.21 4.49 18.29
C GLU A 253 5.70 5.86 18.74
N THR A 254 6.85 5.91 19.41
CA THR A 254 7.44 7.20 19.76
C THR A 254 7.70 8.05 18.51
N PHE A 255 8.23 7.44 17.45
CA PHE A 255 8.46 8.18 16.21
C PHE A 255 7.15 8.79 15.65
N PHE A 256 6.11 7.97 15.50
CA PHE A 256 4.90 8.51 14.90
C PHE A 256 4.20 9.51 15.83
N ASN A 257 4.29 9.30 17.14
CA ASN A 257 3.74 10.27 18.08
C ASN A 257 4.45 11.61 17.96
N THR A 258 5.77 11.57 17.83
CA THR A 258 6.55 12.81 17.70
C THR A 258 6.18 13.54 16.42
N VAL A 259 6.08 12.81 15.30
CA VAL A 259 5.70 13.45 14.04
C VAL A 259 4.31 14.06 14.15
N TYR A 260 3.35 13.30 14.68
CA TYR A 260 2.00 13.82 14.87
C TYR A 260 2.02 15.15 15.63
N ARG A 261 2.81 15.20 16.71
CA ARG A 261 2.80 16.38 17.57
C ARG A 261 3.45 17.60 16.94
N VAL A 262 4.33 17.44 15.95
CA VAL A 262 4.96 18.60 15.32
C VAL A 262 4.29 18.96 14.00
N MET A 263 3.18 18.32 13.66
CA MET A 263 2.46 18.62 12.44
C MET A 263 1.27 19.53 12.72
N GLU A 264 0.99 20.40 11.76
CA GLU A 264 -0.26 21.15 11.76
C GLU A 264 -1.41 20.24 11.37
N GLU A 265 -2.59 20.51 11.91
CA GLU A 265 -3.77 19.78 11.47
C GLU A 265 -3.95 19.97 9.96
N GLY A 266 -4.25 18.87 9.26
CA GLY A 266 -4.40 18.89 7.84
C GLY A 266 -3.09 18.77 7.07
N GLY A 267 -1.96 18.67 7.77
CA GLY A 267 -0.69 18.58 7.08
C GLY A 267 -0.49 17.22 6.46
N LEU A 268 0.60 17.10 5.71
CA LEU A 268 0.93 15.86 5.03
C LEU A 268 2.30 15.37 5.46
N PHE A 269 2.42 14.05 5.62
CA PHE A 269 3.67 13.40 6.02
C PHE A 269 3.99 12.33 4.99
N LEU A 270 5.14 12.44 4.35
N LEU A 270 5.15 12.44 4.34
CA LEU A 270 5.60 11.43 3.40
CA LEU A 270 5.63 11.45 3.40
C LEU A 270 6.75 10.66 4.04
C LEU A 270 6.76 10.67 4.07
N LEU A 271 6.53 9.39 4.32
CA LEU A 271 7.51 8.50 4.93
C LEU A 271 8.00 7.52 3.87
N HIS A 272 9.31 7.56 3.61
CA HIS A 272 9.97 6.71 2.62
C HIS A 272 10.95 5.81 3.36
N THR A 273 10.79 4.48 3.24
CA THR A 273 11.65 3.55 3.94
C THR A 273 11.82 2.26 3.14
N ILE A 274 12.98 1.61 3.32
CA ILE A 274 13.10 0.20 2.97
C ILE A 274 12.20 -0.60 3.89
N GLY A 275 11.55 -1.63 3.34
CA GLY A 275 10.73 -2.49 4.15
C GLY A 275 10.62 -3.87 3.55
N LYS A 276 9.81 -4.70 4.19
CA LYS A 276 9.57 -6.06 3.75
C LYS A 276 8.08 -6.27 3.49
N LEU A 277 7.76 -7.27 2.67
CA LEU A 277 6.36 -7.57 2.44
C LEU A 277 5.72 -8.14 3.70
N HIS A 278 6.44 -9.02 4.39
CA HIS A 278 6.01 -9.68 5.62
C HIS A 278 7.15 -9.62 6.63
N PRO A 279 6.87 -9.67 7.92
CA PRO A 279 7.96 -9.68 8.92
C PRO A 279 8.95 -10.79 8.62
N ASP A 280 10.24 -10.46 8.71
CA ASP A 280 11.24 -11.46 8.37
C ASP A 280 12.54 -11.17 9.08
N THR A 281 13.49 -12.11 8.93
CA THR A 281 14.76 -12.02 9.63
C THR A 281 15.57 -10.82 9.14
N GLN A 282 16.27 -10.20 10.06
CA GLN A 282 17.14 -9.07 9.78
C GLN A 282 18.57 -9.55 9.50
N SER A 283 19.34 -8.72 8.79
CA SER A 283 20.69 -9.11 8.38
C SER A 283 21.68 -8.85 9.50
N ARG A 284 22.25 -9.92 10.04
CA ARG A 284 23.34 -9.79 11.01
C ARG A 284 24.60 -9.20 10.38
N TRP A 285 24.85 -9.50 9.11
CA TRP A 285 26.07 -8.96 8.49
C TRP A 285 25.96 -7.45 8.31
N ILE A 286 24.80 -6.97 7.83
CA ILE A 286 24.62 -5.52 7.67
C ILE A 286 24.70 -4.83 9.02
N ARG A 287 24.06 -5.40 10.05
CA ARG A 287 24.09 -4.78 11.36
C ARG A 287 25.51 -4.74 11.92
N LYS A 288 26.30 -5.78 11.67
CA LYS A 288 27.64 -5.81 12.24
C LYS A 288 28.55 -4.80 11.56
N TYR A 289 28.45 -4.66 10.23
CA TYR A 289 29.47 -3.93 9.49
C TYR A 289 29.02 -2.60 8.90
N ILE A 290 27.72 -2.39 8.65
CA ILE A 290 27.26 -1.23 7.91
C ILE A 290 26.31 -0.36 8.74
N PHE A 291 25.23 -0.96 9.27
CA PHE A 291 24.17 -0.22 9.93
C PHE A 291 23.79 -0.90 11.24
N PRO A 292 24.57 -0.67 12.30
CA PRO A 292 24.16 -1.18 13.62
C PRO A 292 22.78 -0.66 14.00
N GLY A 293 22.01 -1.54 14.65
CA GLY A 293 20.70 -1.14 15.13
C GLY A 293 19.64 -0.91 14.08
N GLY A 294 19.90 -1.19 12.80
CA GLY A 294 18.87 -1.04 11.80
C GLY A 294 17.79 -2.11 11.91
N TYR A 295 16.57 -1.74 11.51
CA TYR A 295 15.46 -2.69 11.40
C TYR A 295 14.66 -2.39 10.14
N LEU A 296 14.46 -3.41 9.30
CA LEU A 296 13.63 -3.27 8.11
C LEU A 296 12.24 -3.82 8.40
N PRO A 297 11.23 -2.98 8.48
CA PRO A 297 9.90 -3.45 8.92
C PRO A 297 9.03 -3.89 7.76
N SER A 298 8.06 -4.73 8.08
CA SER A 298 7.06 -5.10 7.09
C SER A 298 5.98 -4.02 6.96
N ILE A 299 5.15 -4.16 5.92
CA ILE A 299 3.99 -3.29 5.76
C ILE A 299 3.17 -3.28 7.03
N SER A 300 2.87 -4.47 7.57
CA SER A 300 2.03 -4.55 8.76
C SER A 300 2.69 -3.86 9.95
N GLU A 301 4.02 -3.99 10.07
CA GLU A 301 4.73 -3.37 11.18
C GLU A 301 4.71 -1.85 11.05
N ILE A 302 4.86 -1.33 9.82
CA ILE A 302 4.79 0.11 9.63
C ILE A 302 3.40 0.63 10.02
N VAL A 303 2.36 0.03 9.43
CA VAL A 303 1.02 0.61 9.57
C VAL A 303 0.53 0.50 11.00
N GLU A 304 0.81 -0.62 11.68
CA GLU A 304 0.28 -0.75 13.02
C GLU A 304 1.05 0.07 14.04
N SER A 305 2.18 0.67 13.63
CA SER A 305 2.90 1.62 14.47
C SER A 305 2.05 2.83 14.84
N PHE A 306 1.12 3.25 13.97
CA PHE A 306 0.32 4.44 14.25
C PHE A 306 -1.16 4.09 14.43
N ARG A 307 -1.43 2.91 14.97
CA ARG A 307 -2.82 2.46 15.13
C ARG A 307 -3.64 3.35 16.05
N ASP A 308 -3.01 3.97 17.04
CA ASP A 308 -3.81 4.76 17.98
C ASP A 308 -3.77 6.25 17.70
N MET A 309 -3.52 6.63 16.43
CA MET A 309 -3.26 8.02 16.09
C MET A 309 -4.14 8.45 14.93
N ASP A 310 -4.42 9.76 14.90
CA ASP A 310 -5.30 10.36 13.91
C ASP A 310 -4.55 10.69 12.62
N PHE A 311 -3.98 9.65 12.00
CA PHE A 311 -3.43 9.73 10.67
C PHE A 311 -4.37 9.03 9.70
N THR A 312 -4.59 9.64 8.55
CA THR A 312 -5.33 9.01 7.46
C THR A 312 -4.38 8.67 6.32
N LEU A 313 -4.54 7.48 5.75
CA LEU A 313 -3.68 7.07 4.65
C LEU A 313 -4.14 7.73 3.36
N ILE A 314 -3.23 8.42 2.67
CA ILE A 314 -3.54 8.95 1.35
C ILE A 314 -3.15 7.96 0.27
N ASP A 315 -1.88 7.58 0.21
N ASP A 315 -1.87 7.57 0.26
CA ASP A 315 -1.53 6.52 -0.71
CA ASP A 315 -1.26 6.77 -0.80
C ASP A 315 -0.21 5.88 -0.30
C ASP A 315 -0.18 5.87 -0.24
N PHE A 316 0.07 4.74 -0.93
CA PHE A 316 1.15 3.84 -0.57
C PHE A 316 1.79 3.42 -1.89
N ASP A 317 3.08 3.70 -2.05
N ASP A 317 3.10 3.65 -2.01
CA ASP A 317 3.74 3.36 -3.28
CA ASP A 317 3.86 3.49 -3.25
C ASP A 317 4.87 2.37 -3.00
C ASP A 317 4.99 2.47 -3.05
N ASN A 318 5.16 1.55 -4.01
CA ASN A 318 6.21 0.55 -3.95
C ASN A 318 7.26 0.89 -5.01
N TRP A 319 8.51 1.08 -4.58
CA TRP A 319 9.61 1.41 -5.50
C TRP A 319 10.69 0.33 -5.57
N ARG A 320 10.38 -0.92 -5.23
CA ARG A 320 11.40 -1.96 -5.03
C ARG A 320 12.53 -1.98 -6.07
N MET A 321 12.18 -2.17 -7.36
CA MET A 321 13.23 -2.34 -8.37
C MET A 321 14.04 -1.07 -8.58
N HIS A 322 13.51 0.09 -8.22
CA HIS A 322 14.29 1.30 -8.34
C HIS A 322 15.49 1.29 -7.42
N TYR A 323 15.43 0.60 -6.28
CA TYR A 323 16.61 0.57 -5.43
C TYR A 323 17.66 -0.38 -5.98
N TYR A 324 17.24 -1.45 -6.68
CA TYR A 324 18.21 -2.25 -7.41
C TYR A 324 19.02 -1.36 -8.33
N TRP A 325 18.34 -0.54 -9.12
CA TRP A 325 19.07 0.29 -10.09
C TRP A 325 19.87 1.39 -9.42
N THR A 326 19.36 1.95 -8.31
CA THR A 326 20.13 2.92 -7.55
C THR A 326 21.44 2.31 -7.06
N LEU A 327 21.38 1.12 -6.47
CA LEU A 327 22.59 0.50 -5.94
C LEU A 327 23.54 0.06 -7.06
N LYS A 328 23.00 -0.28 -8.23
CA LYS A 328 23.86 -0.58 -9.38
C LYS A 328 24.64 0.64 -9.83
N LYS A 329 23.99 1.81 -9.88
CA LYS A 329 24.69 3.03 -10.28
C LYS A 329 25.73 3.41 -9.24
N TRP A 330 25.40 3.25 -7.95
CA TRP A 330 26.39 3.54 -6.91
C TRP A 330 27.61 2.65 -7.07
N LYS A 331 27.39 1.35 -7.28
CA LYS A 331 28.54 0.46 -7.40
C LYS A 331 29.36 0.82 -8.63
N GLU A 332 28.70 1.23 -9.73
CA GLU A 332 29.44 1.62 -10.92
C GLU A 332 30.35 2.80 -10.63
N ARG A 333 29.84 3.80 -9.93
CA ARG A 333 30.65 4.97 -9.60
C ARG A 333 31.75 4.61 -8.60
N PHE A 334 31.44 3.72 -7.67
CA PHE A 334 32.44 3.20 -6.73
C PHE A 334 33.62 2.60 -7.49
N TYR A 335 33.34 1.79 -8.51
CA TYR A 335 34.42 1.16 -9.27
C TYR A 335 35.17 2.17 -10.13
N GLU A 336 34.47 3.18 -10.65
CA GLU A 336 35.14 4.25 -11.40
C GLU A 336 36.21 4.93 -10.56
N ASN A 337 35.97 5.05 -9.24
CA ASN A 337 36.87 5.76 -8.34
C ASN A 337 37.62 4.79 -7.42
N LEU A 338 37.80 3.55 -7.87
CA LEU A 338 38.33 2.53 -6.98
C LEU A 338 39.77 2.82 -6.58
N ASP A 339 40.56 3.39 -7.49
CA ASP A 339 41.95 3.68 -7.17
C ASP A 339 42.06 4.64 -6.00
N LYS A 340 41.27 5.73 -6.03
CA LYS A 340 41.31 6.66 -4.92
C LYS A 340 40.76 6.04 -3.64
N ILE A 341 39.66 5.30 -3.73
CA ILE A 341 39.11 4.67 -2.53
C ILE A 341 40.11 3.72 -1.89
N ARG A 342 40.88 3.01 -2.72
CA ARG A 342 41.91 2.12 -2.17
C ARG A 342 43.01 2.91 -1.50
N ASN A 343 43.35 4.08 -2.04
CA ASN A 343 44.31 4.95 -1.38
C ASN A 343 43.78 5.50 -0.06
N MET A 344 42.48 5.47 0.15
CA MET A 344 41.89 5.98 1.40
C MET A 344 41.63 4.89 2.42
N PHE A 345 41.36 3.67 1.97
CA PHE A 345 40.95 2.55 2.82
C PHE A 345 41.62 1.28 2.33
N ASP A 346 41.69 0.26 3.19
CA ASP A 346 42.43 -0.92 2.81
C ASP A 346 41.55 -1.85 1.95
N ASP A 347 42.17 -2.95 1.49
CA ASP A 347 41.48 -3.88 0.60
C ASP A 347 40.29 -4.54 1.27
N ARG A 348 40.40 -4.79 2.58
CA ARG A 348 39.29 -5.37 3.31
C ARG A 348 38.07 -4.45 3.29
N PHE A 349 38.30 -3.14 3.43
CA PHE A 349 37.18 -2.20 3.34
C PHE A 349 36.53 -2.23 1.97
N ILE A 350 37.33 -2.24 0.90
CA ILE A 350 36.77 -2.25 -0.45
C ILE A 350 35.92 -3.50 -0.67
N ARG A 351 36.42 -4.66 -0.23
CA ARG A 351 35.63 -5.88 -0.37
C ARG A 351 34.35 -5.80 0.45
N MET A 352 34.43 -5.24 1.66
CA MET A 352 33.25 -5.05 2.49
C MET A 352 32.23 -4.16 1.78
N TRP A 353 32.69 -3.03 1.23
CA TRP A 353 31.76 -2.09 0.62
C TRP A 353 31.17 -2.63 -0.66
N GLU A 354 31.99 -3.32 -1.48
CA GLU A 354 31.45 -3.87 -2.72
C GLU A 354 30.44 -4.97 -2.41
N LEU A 355 30.69 -5.77 -1.37
CA LEU A 355 29.70 -6.78 -0.99
C LEU A 355 28.42 -6.12 -0.47
N TYR A 356 28.56 -5.07 0.34
CA TYR A 356 27.39 -4.33 0.80
C TYR A 356 26.54 -3.85 -0.37
N LEU A 357 27.16 -3.17 -1.34
CA LEU A 357 26.36 -2.62 -2.45
C LEU A 357 25.78 -3.74 -3.30
N THR A 358 26.51 -4.84 -3.47
CA THR A 358 26.06 -5.93 -4.33
C THR A 358 24.95 -6.73 -3.67
N ALA A 359 25.18 -7.19 -2.44
CA ALA A 359 24.17 -7.96 -1.74
C ALA A 359 22.91 -7.14 -1.47
N SER A 360 23.08 -5.85 -1.17
CA SER A 360 21.90 -5.00 -0.98
C SER A 360 21.10 -4.92 -2.27
N ALA A 361 21.77 -4.71 -3.40
CA ALA A 361 21.05 -4.66 -4.67
C ALA A 361 20.29 -5.96 -4.91
N VAL A 362 20.94 -7.10 -4.66
CA VAL A 362 20.33 -8.41 -4.89
C VAL A 362 19.09 -8.58 -4.02
N SER A 363 19.12 -8.08 -2.78
CA SER A 363 17.97 -8.28 -1.90
C SER A 363 16.71 -7.64 -2.48
N PHE A 364 16.84 -6.53 -3.19
CA PHE A 364 15.67 -5.96 -3.87
C PHE A 364 15.33 -6.74 -5.13
N LEU A 365 16.35 -7.12 -5.90
CA LEU A 365 16.15 -7.87 -7.14
C LEU A 365 15.35 -9.14 -6.90
N ILE A 366 15.66 -9.89 -5.84
CA ILE A 366 15.02 -11.18 -5.64
C ILE A 366 13.77 -11.09 -4.78
N GLY A 367 13.34 -9.87 -4.44
CA GLY A 367 12.06 -9.70 -3.78
C GLY A 367 12.08 -9.84 -2.27
N SER A 368 13.27 -9.82 -1.65
CA SER A 368 13.33 -9.87 -0.19
C SER A 368 13.05 -8.52 0.44
N ASN A 369 13.59 -7.45 -0.14
CA ASN A 369 13.34 -6.11 0.35
C ASN A 369 12.64 -5.28 -0.71
N TYR A 370 11.91 -4.28 -0.21
CA TYR A 370 11.12 -3.33 -0.98
C TYR A 370 11.47 -1.92 -0.52
N VAL A 371 10.99 -0.93 -1.27
CA VAL A 371 10.98 0.46 -0.83
C VAL A 371 9.53 0.91 -0.81
N PHE A 372 9.09 1.48 0.31
CA PHE A 372 7.71 1.90 0.47
C PHE A 372 7.65 3.39 0.74
N GLN A 373 6.77 4.09 0.02
CA GLN A 373 6.46 5.50 0.31
C GLN A 373 5.03 5.56 0.79
N THR A 374 4.85 6.05 2.01
CA THR A 374 3.53 6.14 2.63
C THR A 374 3.22 7.61 2.82
N LEU A 375 2.11 8.06 2.25
CA LEU A 375 1.68 9.45 2.39
C LEU A 375 0.50 9.51 3.34
N LEU A 376 0.66 10.22 4.46
CA LEU A 376 -0.35 10.30 5.50
C LEU A 376 -0.81 11.74 5.67
N SER A 377 -2.06 11.92 6.04
CA SER A 377 -2.55 13.24 6.44
C SER A 377 -2.82 13.23 7.94
N LYS A 378 -2.58 14.38 8.59
CA LYS A 378 -2.98 14.57 9.98
C LYS A 378 -4.43 14.99 9.97
N GLY A 379 -5.31 14.13 10.46
CA GLY A 379 -6.73 14.29 10.27
C GLY A 379 -7.21 13.70 8.94
N VAL A 380 -8.51 13.53 8.84
CA VAL A 380 -9.11 12.91 7.65
C VAL A 380 -9.18 13.96 6.55
N LYS A 381 -8.35 13.79 5.51
CA LYS A 381 -8.31 14.71 4.38
C LYS A 381 -9.05 14.07 3.21
N ASP A 382 -10.07 14.77 2.71
CA ASP A 382 -10.92 14.23 1.66
C ASP A 382 -10.73 14.90 0.32
N ASP A 383 -9.91 15.95 0.23
CA ASP A 383 -9.75 16.70 -1.01
C ASP A 383 -8.36 16.55 -1.63
N TYR A 384 -7.64 15.48 -1.31
CA TYR A 384 -6.39 15.25 -2.03
C TYR A 384 -6.70 14.99 -3.50
N PRO A 385 -5.93 15.57 -4.42
CA PRO A 385 -6.28 15.47 -5.84
C PRO A 385 -6.28 14.02 -6.33
N VAL A 386 -7.09 13.79 -7.35
CA VAL A 386 -7.15 12.48 -7.99
C VAL A 386 -5.99 12.32 -8.98
N ALA B 5 -33.85 15.88 28.88
CA ALA B 5 -33.04 15.58 30.05
C ALA B 5 -31.61 15.23 29.65
N ILE B 6 -31.34 13.94 29.45
CA ILE B 6 -30.05 13.52 28.93
C ILE B 6 -29.94 13.78 27.43
N VAL B 7 -31.08 13.97 26.76
CA VAL B 7 -31.08 14.30 25.33
C VAL B 7 -30.29 15.58 25.07
N GLU B 8 -30.48 16.58 25.92
CA GLU B 8 -29.84 17.88 25.71
C GLU B 8 -28.32 17.74 25.72
N ARG B 9 -27.78 16.92 26.62
CA ARG B 9 -26.35 16.66 26.65
C ARG B 9 -25.86 16.12 25.31
N ILE B 10 -26.60 15.18 24.72
CA ILE B 10 -26.17 14.57 23.47
C ILE B 10 -26.32 15.56 22.32
N VAL B 11 -27.48 16.21 22.24
CA VAL B 11 -27.73 17.18 21.15
C VAL B 11 -26.71 18.29 21.19
N ASN B 12 -26.29 18.71 22.38
CA ASN B 12 -25.32 19.79 22.48
C ASN B 12 -23.97 19.39 21.90
N LYS B 13 -23.49 18.19 22.25
CA LYS B 13 -22.21 17.74 21.70
C LYS B 13 -22.31 17.51 20.19
N LEU B 14 -23.48 17.11 19.70
CA LEU B 14 -23.69 17.00 18.26
C LEU B 14 -23.56 18.34 17.56
N ASN B 15 -23.77 19.43 18.29
CA ASN B 15 -23.75 20.77 17.71
C ASN B 15 -22.53 21.57 18.09
N GLU B 16 -21.64 21.00 18.92
CA GLU B 16 -20.44 21.69 19.36
C GLU B 16 -19.59 22.14 18.18
N ASN B 17 -19.40 23.45 18.06
CA ASN B 17 -18.63 24.06 16.97
C ASN B 17 -19.25 23.78 15.60
N GLN B 18 -20.57 23.73 15.51
CA GLN B 18 -21.24 23.36 14.26
C GLN B 18 -22.18 24.47 13.79
N LYS B 19 -22.03 24.85 12.52
CA LYS B 19 -22.99 25.73 11.85
C LYS B 19 -24.39 25.13 11.94
N GLU B 20 -24.62 24.04 11.23
CA GLU B 20 -25.98 23.52 11.04
C GLU B 20 -26.38 22.76 12.30
N LYS B 21 -27.21 23.38 13.12
CA LYS B 21 -27.62 22.71 14.34
C LYS B 21 -28.52 21.53 14.00
N ILE B 22 -28.42 20.49 14.80
CA ILE B 22 -29.29 19.33 14.71
C ILE B 22 -30.20 19.37 15.91
N GLY B 23 -31.50 19.23 15.68
CA GLY B 23 -32.46 19.25 16.77
C GLY B 23 -33.18 17.93 16.91
N VAL B 24 -33.81 17.74 18.07
CA VAL B 24 -34.59 16.54 18.36
C VAL B 24 -35.99 16.97 18.76
N GLU B 25 -36.99 16.28 18.23
CA GLU B 25 -38.38 16.44 18.64
C GLU B 25 -38.80 15.20 19.41
N LEU B 26 -39.21 15.38 20.66
CA LEU B 26 -39.62 14.28 21.51
C LEU B 26 -41.02 13.80 21.12
N PRO B 27 -41.42 12.61 21.58
CA PRO B 27 -42.78 12.14 21.27
C PRO B 27 -43.87 13.10 21.73
N SER B 28 -43.63 13.83 22.81
CA SER B 28 -44.59 14.82 23.29
C SER B 28 -44.66 16.06 22.40
N GLY B 29 -43.77 16.19 21.42
CA GLY B 29 -43.65 17.42 20.67
C GLY B 29 -42.60 18.38 21.19
N LYS B 30 -42.06 18.14 22.38
CA LYS B 30 -41.03 18.99 22.94
C LYS B 30 -39.77 18.92 22.09
N ARG B 31 -39.20 20.08 21.81
CA ARG B 31 -38.02 20.20 20.96
C ARG B 31 -36.80 20.52 21.79
N ILE B 32 -35.69 19.85 21.49
CA ILE B 32 -34.41 20.12 22.12
C ILE B 32 -33.37 20.29 21.01
N PRO B 33 -32.84 21.50 20.79
CA PRO B 33 -33.20 22.71 21.54
C PRO B 33 -34.52 23.32 21.06
N GLU B 34 -35.09 24.21 21.87
CA GLU B 34 -36.40 24.79 21.55
C GLU B 34 -36.24 25.98 20.61
N PHE B 35 -35.43 25.82 19.57
CA PHE B 35 -35.16 26.84 18.57
C PHE B 35 -35.10 26.15 17.21
N PRO B 36 -35.26 26.90 16.12
CA PRO B 36 -35.19 26.28 14.78
C PRO B 36 -33.81 25.71 14.49
N VAL B 37 -33.80 24.53 13.85
CA VAL B 37 -32.58 23.80 13.57
C VAL B 37 -32.52 23.48 12.09
N SER B 38 -31.33 23.10 11.63
CA SER B 38 -31.12 22.77 10.22
C SER B 38 -31.56 21.35 9.89
N HIS B 39 -31.49 20.45 10.87
CA HIS B 39 -31.90 19.05 10.67
C HIS B 39 -32.60 18.58 11.94
N LEU B 40 -33.81 18.07 11.78
CA LEU B 40 -34.63 17.67 12.91
C LEU B 40 -34.78 16.17 12.91
N ILE B 41 -34.49 15.54 14.05
CA ILE B 41 -34.73 14.13 14.28
C ILE B 41 -35.96 14.02 15.17
N ARG B 42 -37.02 13.43 14.64
CA ARG B 42 -38.27 13.27 15.38
C ARG B 42 -38.38 11.84 15.91
N PHE B 43 -38.64 11.72 17.21
CA PHE B 43 -38.87 10.42 17.84
C PHE B 43 -40.36 10.28 18.08
N LYS B 44 -40.99 9.34 17.38
CA LYS B 44 -42.44 9.17 17.48
C LYS B 44 -42.83 8.43 18.76
N THR B 45 -41.94 7.61 19.30
CA THR B 45 -42.23 6.81 20.48
C THR B 45 -41.11 7.00 21.50
N TRP B 46 -41.47 6.81 22.78
CA TRP B 46 -40.46 6.91 23.82
C TRP B 46 -39.55 5.70 23.83
N LYS B 47 -40.09 4.53 23.44
CA LYS B 47 -39.26 3.32 23.37
C LYS B 47 -38.15 3.49 22.34
N SER B 48 -38.47 4.02 21.16
CA SER B 48 -37.46 4.19 20.12
C SER B 48 -36.35 5.13 20.57
N LEU B 49 -36.68 6.15 21.38
CA LEU B 49 -35.65 7.01 21.91
C LEU B 49 -34.80 6.29 22.95
N ASP B 50 -35.44 5.52 23.83
CA ASP B 50 -34.70 4.78 24.83
C ASP B 50 -33.74 3.78 24.19
N TYR B 51 -34.15 3.19 23.07
CA TYR B 51 -33.26 2.27 22.36
C TYR B 51 -32.03 2.99 21.82
N VAL B 52 -32.24 4.17 21.23
CA VAL B 52 -31.11 4.95 20.70
C VAL B 52 -30.12 5.29 21.80
N LEU B 53 -30.64 5.63 23.00
CA LEU B 53 -29.76 5.97 24.11
C LEU B 53 -28.94 4.77 24.56
N LYS B 54 -29.54 3.57 24.53
CA LYS B 54 -28.83 2.36 24.90
C LYS B 54 -27.88 1.91 23.80
N ASP B 55 -28.33 1.97 22.55
CA ASP B 55 -27.58 1.45 21.41
C ASP B 55 -27.80 2.40 20.23
N PRO B 56 -26.93 3.40 20.06
CA PRO B 56 -27.15 4.37 18.98
C PRO B 56 -27.24 3.75 17.60
N GLU B 57 -26.31 2.85 17.25
CA GLU B 57 -26.29 2.28 15.91
C GLU B 57 -27.55 1.46 15.64
N MET B 58 -27.77 0.42 16.44
CA MET B 58 -28.94 -0.44 16.24
C MET B 58 -30.22 0.31 16.52
N GLY B 59 -30.21 1.20 17.50
CA GLY B 59 -31.41 1.95 17.84
C GLY B 59 -31.82 2.91 16.74
N PHE B 60 -30.86 3.66 16.19
CA PHE B 60 -31.24 4.56 15.12
C PHE B 60 -31.62 3.78 13.87
N GLY B 61 -30.84 2.76 13.53
CA GLY B 61 -31.13 2.01 12.31
C GLY B 61 -32.51 1.37 12.33
N GLU B 62 -32.83 0.68 13.42
CA GLU B 62 -34.11 0.00 13.47
C GLU B 62 -35.26 0.97 13.66
N GLY B 63 -35.05 2.02 14.47
CA GLY B 63 -36.07 3.05 14.60
C GLY B 63 -36.35 3.77 13.30
N TYR B 64 -35.32 4.02 12.50
CA TYR B 64 -35.53 4.67 11.21
C TYR B 64 -36.24 3.74 10.23
N MET B 65 -35.84 2.46 10.21
CA MET B 65 -36.49 1.47 9.37
C MET B 65 -37.98 1.39 9.66
N ASN B 66 -38.34 1.27 10.95
CA ASN B 66 -39.73 1.07 11.35
C ASN B 66 -40.58 2.32 11.22
N GLY B 67 -39.97 3.48 11.02
CA GLY B 67 -40.71 4.71 10.92
C GLY B 67 -40.93 5.44 12.23
N ASP B 68 -40.38 4.92 13.33
CA ASP B 68 -40.45 5.58 14.63
C ASP B 68 -39.50 6.76 14.74
N ILE B 69 -38.52 6.88 13.83
CA ILE B 69 -37.57 7.99 13.82
C ILE B 69 -37.60 8.60 12.42
N GLU B 70 -38.00 9.86 12.35
CA GLU B 70 -38.03 10.59 11.09
C GLU B 70 -36.92 11.65 11.09
N VAL B 71 -36.46 12.00 9.89
CA VAL B 71 -35.41 12.99 9.72
C VAL B 71 -35.88 14.03 8.71
N GLU B 72 -35.94 15.28 9.14
CA GLU B 72 -36.20 16.40 8.25
C GLU B 72 -34.87 17.08 7.93
N GLY B 73 -34.62 17.30 6.66
CA GLY B 73 -33.35 17.86 6.25
C GLY B 73 -32.50 16.83 5.51
N ASP B 74 -31.21 16.79 5.83
CA ASP B 74 -30.26 15.96 5.10
C ASP B 74 -29.90 14.75 5.95
N LEU B 75 -30.37 13.57 5.52
CA LEU B 75 -30.07 12.34 6.26
C LEU B 75 -28.56 12.13 6.37
N GLU B 76 -27.84 12.38 5.27
CA GLU B 76 -26.39 12.17 5.28
C GLU B 76 -25.72 13.01 6.35
N GLU B 77 -26.14 14.28 6.50
CA GLU B 77 -25.51 15.12 7.51
C GLU B 77 -25.76 14.59 8.91
N VAL B 78 -27.00 14.15 9.19
CA VAL B 78 -27.32 13.60 10.50
C VAL B 78 -26.49 12.35 10.77
N ILE B 79 -26.40 11.46 9.80
CA ILE B 79 -25.63 10.23 9.95
C ILE B 79 -24.15 10.55 10.12
N LYS B 80 -23.63 11.48 9.33
CA LYS B 80 -22.23 11.86 9.44
C LYS B 80 -21.90 12.37 10.85
N ARG B 81 -22.74 13.28 11.38
CA ARG B 81 -22.45 13.82 12.71
C ARG B 81 -22.60 12.76 13.79
N GLY B 82 -23.62 11.91 13.69
CA GLY B 82 -23.78 10.86 14.68
C GLY B 82 -22.65 9.84 14.63
N MET B 83 -22.25 9.41 13.43
CA MET B 83 -21.19 8.42 13.31
C MET B 83 -19.85 8.98 13.76
N THR B 84 -19.63 10.28 13.56
CA THR B 84 -18.41 10.91 14.04
C THR B 84 -18.38 10.97 15.56
N LEU B 85 -19.51 11.30 16.18
CA LEU B 85 -19.54 11.46 17.64
C LEU B 85 -19.52 10.11 18.35
N PHE B 86 -20.23 9.12 17.82
CA PHE B 86 -20.32 7.81 18.46
C PHE B 86 -19.41 6.79 17.79
N LEU B 120 -33.73 -10.26 -3.54
CA LEU B 120 -33.46 -9.06 -4.32
C LEU B 120 -33.13 -9.42 -5.76
N GLY B 121 -34.09 -9.17 -6.64
CA GLY B 121 -33.96 -9.58 -8.03
C GLY B 121 -33.12 -8.62 -8.86
N ASN B 122 -32.74 -9.10 -10.04
CA ASN B 122 -32.02 -8.28 -10.99
C ASN B 122 -32.76 -6.98 -11.30
N ASP B 123 -34.10 -6.99 -11.31
CA ASP B 123 -34.81 -5.76 -11.66
C ASP B 123 -34.71 -4.70 -10.57
N PHE B 124 -34.48 -5.10 -9.32
CA PHE B 124 -34.21 -4.11 -8.28
C PHE B 124 -32.87 -3.46 -8.50
N TYR B 125 -31.81 -4.27 -8.65
CA TYR B 125 -30.47 -3.72 -8.83
C TYR B 125 -30.38 -2.85 -10.07
N ARG B 126 -31.07 -3.24 -11.14
CA ARG B 126 -31.00 -2.49 -12.39
C ARG B 126 -31.49 -1.06 -12.22
N LEU B 127 -32.34 -0.80 -11.23
CA LEU B 127 -32.89 0.52 -11.02
C LEU B 127 -31.92 1.49 -10.34
N TRP B 128 -30.77 1.03 -9.85
CA TRP B 128 -29.84 1.99 -9.25
C TRP B 128 -28.38 1.72 -9.55
N LEU B 129 -27.99 0.51 -9.98
CA LEU B 129 -26.63 0.32 -10.49
C LEU B 129 -26.52 0.92 -11.89
N ASP B 130 -25.29 1.04 -12.38
CA ASP B 130 -25.08 1.53 -13.74
C ASP B 130 -25.56 0.50 -14.76
N LYS B 131 -25.47 0.86 -16.04
CA LYS B 131 -25.96 -0.02 -17.10
C LYS B 131 -25.24 -1.37 -17.10
N SER B 132 -23.96 -1.39 -16.72
CA SER B 132 -23.19 -2.64 -16.71
C SER B 132 -23.43 -3.49 -15.48
N MET B 133 -24.27 -3.02 -14.54
CA MET B 133 -24.65 -3.75 -13.35
C MET B 133 -23.44 -4.06 -12.47
N THR B 134 -22.52 -3.10 -12.39
CA THR B 134 -21.31 -3.27 -11.58
C THR B 134 -21.63 -2.86 -10.14
N TYR B 135 -21.37 -3.78 -9.21
CA TYR B 135 -21.72 -3.60 -7.80
C TYR B 135 -20.44 -3.56 -6.97
N SER B 136 -19.72 -2.46 -7.11
CA SER B 136 -18.39 -2.26 -6.52
C SER B 136 -17.96 -0.83 -6.83
N CYS B 137 -16.88 -0.41 -6.18
CA CYS B 137 -16.40 0.97 -6.25
C CYS B 137 -15.98 1.35 -7.68
N ALA B 138 -16.50 2.48 -8.16
CA ALA B 138 -16.14 3.02 -9.48
C ALA B 138 -14.94 3.96 -9.32
N PHE B 139 -14.47 4.56 -10.42
CA PHE B 139 -13.38 5.54 -10.33
C PHE B 139 -13.81 6.83 -10.99
N PHE B 140 -13.78 7.93 -10.22
CA PHE B 140 -14.26 9.24 -10.65
C PHE B 140 -13.07 10.16 -10.92
N GLU B 141 -12.78 10.43 -12.20
CA GLU B 141 -11.85 11.52 -12.48
C GLU B 141 -12.34 12.82 -11.88
N ASP B 142 -13.66 13.01 -11.82
CA ASP B 142 -14.31 14.18 -11.24
C ASP B 142 -15.69 13.74 -10.78
N PRO B 143 -16.22 14.29 -9.68
CA PRO B 143 -17.55 13.85 -9.20
C PRO B 143 -18.68 14.08 -10.20
N SER B 144 -18.47 14.91 -11.22
CA SER B 144 -19.47 15.13 -12.25
C SER B 144 -19.63 13.94 -13.20
N MET B 145 -18.64 13.04 -13.28
CA MET B 145 -18.78 11.87 -14.14
C MET B 145 -20.00 11.06 -13.75
N SER B 146 -20.65 10.47 -14.74
CA SER B 146 -21.76 9.59 -14.48
C SER B 146 -21.26 8.26 -13.92
N ILE B 147 -22.16 7.53 -13.26
CA ILE B 147 -21.77 6.21 -12.75
C ILE B 147 -21.40 5.28 -13.91
N ASP B 148 -22.08 5.40 -15.05
CA ASP B 148 -21.72 4.61 -16.23
C ASP B 148 -20.26 4.87 -16.63
N GLU B 149 -19.89 6.15 -16.76
CA GLU B 149 -18.54 6.51 -17.17
C GLU B 149 -17.52 6.09 -16.11
N ALA B 150 -17.88 6.22 -14.84
CA ALA B 150 -16.94 5.90 -13.76
C ALA B 150 -16.72 4.39 -13.65
N GLN B 151 -17.74 3.58 -13.91
CA GLN B 151 -17.51 2.14 -13.87
C GLN B 151 -16.72 1.69 -15.09
N SER B 152 -16.97 2.30 -16.26
CA SER B 152 -16.19 1.98 -17.44
C SER B 152 -14.72 2.28 -17.22
N LEU B 153 -14.41 3.44 -16.65
CA LEU B 153 -13.03 3.81 -16.36
C LEU B 153 -12.42 2.85 -15.36
N LYS B 154 -13.15 2.54 -14.29
CA LYS B 154 -12.69 1.56 -13.29
C LYS B 154 -12.31 0.24 -13.95
N ARG B 155 -13.17 -0.28 -14.83
CA ARG B 155 -12.84 -1.55 -15.49
C ARG B 155 -11.60 -1.41 -16.36
N ARG B 156 -11.49 -0.31 -17.10
CA ARG B 156 -10.32 -0.10 -17.93
C ARG B 156 -9.05 -0.01 -17.08
N MET B 157 -9.13 0.65 -15.93
CA MET B 157 -7.95 0.74 -15.06
C MET B 157 -7.53 -0.64 -14.57
N ILE B 158 -8.52 -1.50 -14.30
CA ILE B 158 -8.19 -2.87 -13.90
C ILE B 158 -7.56 -3.64 -15.05
N TYR B 159 -8.09 -3.53 -16.27
CA TYR B 159 -7.45 -4.21 -17.41
C TYR B 159 -6.01 -3.75 -17.60
N GLU B 160 -5.75 -2.45 -17.42
CA GLU B 160 -4.40 -1.94 -17.60
C GLU B 160 -3.47 -2.43 -16.50
N LYS B 161 -3.94 -2.47 -15.25
CA LYS B 161 -3.13 -3.03 -14.16
C LYS B 161 -2.76 -4.48 -14.44
N LEU B 162 -3.71 -5.26 -14.92
CA LEU B 162 -3.45 -6.65 -15.25
C LEU B 162 -2.69 -6.84 -16.54
N GLN B 163 -2.41 -5.76 -17.28
CA GLN B 163 -1.73 -5.86 -18.59
C GLN B 163 -2.41 -6.86 -19.50
N LEU B 164 -3.75 -6.80 -19.55
CA LEU B 164 -4.50 -7.77 -20.32
C LEU B 164 -4.11 -7.72 -21.80
N LYS B 165 -3.98 -8.90 -22.40
CA LYS B 165 -3.63 -9.00 -23.80
C LYS B 165 -4.18 -10.30 -24.37
N GLU B 166 -4.28 -10.33 -25.71
CA GLU B 166 -4.77 -11.51 -26.40
C GLU B 166 -3.97 -12.74 -25.98
N GLY B 167 -4.68 -13.84 -25.77
CA GLY B 167 -4.06 -15.05 -25.34
C GLY B 167 -4.03 -15.24 -23.83
N ASP B 168 -4.28 -14.17 -23.07
CA ASP B 168 -4.39 -14.32 -21.62
C ASP B 168 -5.61 -15.16 -21.27
N THR B 169 -5.52 -15.84 -20.12
CA THR B 169 -6.64 -16.56 -19.51
C THR B 169 -7.00 -15.86 -18.22
N LEU B 170 -8.21 -15.30 -18.16
CA LEU B 170 -8.64 -14.43 -17.06
C LEU B 170 -9.71 -15.12 -16.23
N LEU B 171 -9.51 -15.15 -14.91
CA LEU B 171 -10.49 -15.67 -13.97
C LEU B 171 -11.00 -14.52 -13.10
N ASP B 172 -12.32 -14.37 -13.00
CA ASP B 172 -12.95 -13.35 -12.15
C ASP B 172 -13.66 -14.07 -11.00
N ILE B 173 -13.12 -13.91 -9.79
CA ILE B 173 -13.64 -14.58 -8.61
C ILE B 173 -14.71 -13.70 -7.98
N GLY B 174 -15.97 -14.12 -8.09
CA GLY B 174 -17.10 -13.32 -7.66
C GLY B 174 -17.53 -12.32 -8.73
N CYS B 175 -17.93 -12.80 -9.90
CA CYS B 175 -18.03 -11.98 -11.09
C CYS B 175 -19.30 -11.13 -11.16
N GLY B 176 -20.21 -11.30 -10.20
CA GLY B 176 -21.45 -10.54 -10.24
C GLY B 176 -22.21 -10.73 -11.54
N TRP B 177 -22.65 -9.62 -12.12
CA TRP B 177 -23.41 -9.64 -13.37
C TRP B 177 -22.51 -9.62 -14.61
N GLY B 178 -21.22 -9.88 -14.44
CA GLY B 178 -20.38 -10.31 -15.54
C GLY B 178 -19.67 -9.24 -16.37
N SER B 179 -19.73 -7.97 -15.96
CA SER B 179 -19.21 -6.91 -16.82
C SER B 179 -17.74 -7.13 -17.19
N ILE B 180 -16.92 -7.59 -16.24
CA ILE B 180 -15.49 -7.74 -16.54
C ILE B 180 -15.23 -8.94 -17.45
N ILE B 181 -15.86 -10.10 -17.19
CA ILE B 181 -15.53 -11.25 -18.03
C ILE B 181 -16.06 -11.07 -19.44
N LEU B 182 -17.20 -10.36 -19.59
CA LEU B 182 -17.73 -10.12 -20.92
C LEU B 182 -16.89 -9.10 -21.68
N GLU B 183 -16.63 -7.95 -21.06
CA GLU B 183 -15.95 -6.86 -21.75
C GLU B 183 -14.48 -7.20 -22.02
N SER B 184 -13.79 -7.83 -21.06
CA SER B 184 -12.40 -8.18 -21.30
C SER B 184 -12.26 -9.05 -22.54
N ALA B 185 -13.16 -10.02 -22.70
CA ALA B 185 -13.13 -10.90 -23.86
C ALA B 185 -13.37 -10.11 -25.14
N GLU B 186 -14.32 -9.17 -25.10
CA GLU B 186 -14.64 -8.39 -26.30
C GLU B 186 -13.50 -7.47 -26.70
N LEU B 187 -12.87 -6.81 -25.72
CA LEU B 187 -11.87 -5.78 -26.01
C LEU B 187 -10.49 -6.37 -26.27
N TYR B 188 -10.13 -7.44 -25.57
CA TYR B 188 -8.76 -7.93 -25.60
C TYR B 188 -8.62 -9.34 -26.15
N ASN B 189 -9.71 -10.00 -26.51
CA ASN B 189 -9.66 -11.38 -26.98
C ASN B 189 -9.00 -12.31 -25.96
N VAL B 190 -9.21 -12.04 -24.67
CA VAL B 190 -8.87 -13.03 -23.66
C VAL B 190 -9.97 -14.09 -23.62
N LYS B 191 -9.65 -15.24 -23.04
CA LYS B 191 -10.66 -16.23 -22.69
C LYS B 191 -10.89 -16.09 -21.20
N SER B 192 -12.13 -15.82 -20.80
CA SER B 192 -12.44 -15.45 -19.43
C SER B 192 -13.40 -16.45 -18.82
N VAL B 193 -13.30 -16.57 -17.49
CA VAL B 193 -14.15 -17.43 -16.67
C VAL B 193 -14.54 -16.62 -15.46
N GLY B 194 -15.83 -16.58 -15.15
CA GLY B 194 -16.31 -15.98 -13.92
C GLY B 194 -17.02 -16.99 -13.06
N ILE B 195 -16.91 -16.82 -11.73
CA ILE B 195 -17.70 -17.62 -10.80
C ILE B 195 -18.50 -16.70 -9.88
N THR B 196 -19.71 -17.14 -9.55
CA THR B 196 -20.60 -16.42 -8.67
C THR B 196 -21.37 -17.41 -7.83
N LEU B 197 -21.89 -16.95 -6.68
CA LEU B 197 -22.77 -17.79 -5.87
C LEU B 197 -24.23 -17.51 -6.14
N SER B 198 -24.55 -16.49 -6.91
CA SER B 198 -25.93 -16.06 -7.10
C SER B 198 -26.55 -16.72 -8.34
N ASP B 199 -27.69 -17.39 -8.16
N ASP B 199 -27.67 -17.44 -8.13
CA ASP B 199 -28.36 -17.95 -9.32
CA ASP B 199 -28.47 -17.94 -9.24
C ASP B 199 -28.88 -16.84 -10.24
C ASP B 199 -28.83 -16.84 -10.21
N ASN B 200 -29.34 -15.73 -9.68
CA ASN B 200 -29.82 -14.62 -10.52
C ASN B 200 -28.70 -14.06 -11.38
N GLN B 201 -27.50 -13.90 -10.81
CA GLN B 201 -26.38 -13.41 -11.59
C GLN B 201 -25.92 -14.45 -12.61
N TYR B 202 -25.84 -15.71 -12.18
CA TYR B 202 -25.46 -16.78 -13.10
C TYR B 202 -26.34 -16.79 -14.34
N GLU B 203 -27.67 -16.77 -14.16
CA GLU B 203 -28.54 -16.82 -15.31
C GLU B 203 -28.42 -15.56 -16.17
N TYR B 204 -28.23 -14.41 -15.53
CA TYR B 204 -28.04 -13.16 -16.27
C TYR B 204 -26.82 -13.23 -17.18
N VAL B 205 -25.69 -13.67 -16.63
CA VAL B 205 -24.46 -13.74 -17.41
C VAL B 205 -24.58 -14.74 -18.54
N LYS B 206 -25.20 -15.90 -18.27
CA LYS B 206 -25.41 -16.88 -19.34
C LYS B 206 -26.15 -16.27 -20.51
N GLU B 207 -27.19 -15.48 -20.23
CA GLU B 207 -27.94 -14.83 -21.30
C GLU B 207 -27.10 -13.78 -22.02
N GLU B 208 -26.26 -13.03 -21.28
CA GLU B 208 -25.40 -12.06 -21.94
C GLU B 208 -24.41 -12.73 -22.87
N ILE B 209 -23.82 -13.84 -22.44
CA ILE B 209 -22.88 -14.58 -23.29
C ILE B 209 -23.55 -14.96 -24.60
N LYS B 210 -24.76 -15.49 -24.52
CA LYS B 210 -25.49 -15.88 -25.72
C LYS B 210 -25.83 -14.68 -26.57
N LYS B 211 -26.39 -13.64 -25.95
CA LYS B 211 -26.79 -12.44 -26.67
C LYS B 211 -25.63 -11.84 -27.45
N ARG B 212 -24.44 -11.80 -26.83
CA ARG B 212 -23.26 -11.21 -27.46
C ARG B 212 -22.41 -12.20 -28.23
N GLY B 213 -22.83 -13.45 -28.33
CA GLY B 213 -22.10 -14.43 -29.13
C GLY B 213 -20.72 -14.74 -28.62
N LEU B 214 -20.58 -14.82 -27.29
CA LEU B 214 -19.27 -14.96 -26.66
C LEU B 214 -19.02 -16.38 -26.14
N GLN B 215 -19.79 -17.37 -26.62
CA GLN B 215 -19.71 -18.72 -26.06
C GLN B 215 -18.32 -19.33 -26.19
N ASP B 216 -17.55 -18.97 -27.21
CA ASP B 216 -16.23 -19.53 -27.39
C ASP B 216 -15.15 -18.81 -26.60
N LYS B 217 -15.51 -17.74 -25.90
CA LYS B 217 -14.54 -16.93 -25.18
C LYS B 217 -14.85 -16.70 -23.71
N VAL B 218 -16.11 -16.83 -23.28
CA VAL B 218 -16.52 -16.49 -21.92
C VAL B 218 -17.30 -17.65 -21.34
N GLU B 219 -16.95 -18.03 -20.11
CA GLU B 219 -17.68 -19.04 -19.36
C GLU B 219 -18.06 -18.49 -17.99
N VAL B 220 -19.16 -18.97 -17.44
CA VAL B 220 -19.59 -18.57 -16.10
C VAL B 220 -20.10 -19.81 -15.37
N TYR B 221 -19.79 -19.89 -14.08
CA TYR B 221 -20.19 -21.02 -13.24
C TYR B 221 -20.73 -20.51 -11.92
N LYS B 222 -21.74 -21.20 -11.41
CA LYS B 222 -22.16 -21.03 -10.03
C LYS B 222 -21.24 -21.89 -9.18
N LEU B 223 -20.31 -21.26 -8.48
CA LEU B 223 -19.24 -22.01 -7.85
C LEU B 223 -18.62 -21.20 -6.71
N HIS B 224 -18.44 -21.86 -5.57
CA HIS B 224 -17.67 -21.31 -4.45
C HIS B 224 -16.18 -21.31 -4.79
N TYR B 225 -15.45 -20.26 -4.40
CA TYR B 225 -14.05 -20.18 -4.79
C TYR B 225 -13.24 -21.40 -4.33
N VAL B 226 -13.65 -22.05 -3.24
N VAL B 226 -13.64 -22.04 -3.23
CA VAL B 226 -12.86 -23.16 -2.76
CA VAL B 226 -12.87 -23.19 -2.74
C VAL B 226 -12.89 -24.34 -3.72
C VAL B 226 -12.85 -24.28 -3.80
N ASP B 227 -13.90 -24.38 -4.61
CA ASP B 227 -14.00 -25.45 -5.60
C ASP B 227 -13.32 -25.09 -6.92
N LEU B 228 -12.63 -23.96 -7.00
CA LEU B 228 -11.94 -23.60 -8.25
C LEU B 228 -11.01 -24.69 -8.80
N PRO B 229 -10.29 -25.47 -7.98
CA PRO B 229 -9.44 -26.52 -8.56
C PRO B 229 -10.21 -27.54 -9.38
N LYS B 230 -11.53 -27.69 -9.16
CA LYS B 230 -12.30 -28.67 -9.90
C LYS B 230 -12.46 -28.32 -11.38
N LEU B 231 -12.22 -27.06 -11.75
CA LEU B 231 -12.26 -26.68 -13.15
C LEU B 231 -11.10 -27.27 -13.95
N GLY B 232 -10.05 -27.73 -13.27
CA GLY B 232 -8.89 -28.29 -13.97
C GLY B 232 -8.19 -27.31 -14.89
N ARG B 233 -8.16 -26.03 -14.53
CA ARG B 233 -7.56 -25.01 -15.39
C ARG B 233 -6.73 -24.05 -14.56
N LYS B 234 -5.70 -23.50 -15.19
CA LYS B 234 -4.93 -22.42 -14.61
C LYS B 234 -5.15 -21.15 -15.44
N PHE B 235 -4.81 -20.02 -14.83
CA PHE B 235 -5.07 -18.70 -15.40
C PHE B 235 -3.85 -17.85 -15.18
N ASN B 236 -3.45 -17.07 -16.18
CA ASN B 236 -2.34 -16.16 -15.92
C ASN B 236 -2.79 -14.79 -15.44
N LYS B 237 -4.10 -14.48 -15.46
CA LYS B 237 -4.62 -13.24 -14.92
C LYS B 237 -5.84 -13.53 -14.06
N VAL B 238 -5.85 -13.01 -12.84
CA VAL B 238 -6.95 -13.24 -11.91
C VAL B 238 -7.39 -11.90 -11.35
N VAL B 239 -8.70 -11.72 -11.23
CA VAL B 239 -9.26 -10.51 -10.65
C VAL B 239 -10.35 -10.88 -9.66
N SER B 240 -10.46 -10.09 -8.59
CA SER B 240 -11.55 -10.26 -7.64
C SER B 240 -11.92 -8.88 -7.10
N VAL B 241 -13.15 -8.46 -7.33
CA VAL B 241 -13.60 -7.11 -7.00
C VAL B 241 -14.88 -7.20 -6.17
N GLY B 242 -14.82 -6.69 -4.94
CA GLY B 242 -16.03 -6.63 -4.12
C GLY B 242 -16.53 -7.97 -3.64
N MET B 243 -15.69 -9.00 -3.69
CA MET B 243 -16.03 -10.34 -3.22
C MET B 243 -15.35 -10.69 -1.91
N PHE B 244 -14.12 -10.18 -1.70
CA PHE B 244 -13.29 -10.54 -0.56
C PHE B 244 -13.96 -10.22 0.77
N GLU B 245 -14.79 -9.17 0.81
CA GLU B 245 -15.51 -8.79 2.03
C GLU B 245 -16.40 -9.92 2.53
N HIS B 246 -16.77 -10.87 1.68
CA HIS B 246 -17.63 -11.97 2.08
C HIS B 246 -16.86 -13.24 2.44
N VAL B 247 -15.54 -13.20 2.40
CA VAL B 247 -14.77 -14.41 2.63
C VAL B 247 -14.65 -14.72 4.11
N GLY B 248 -14.44 -13.70 4.93
CA GLY B 248 -14.19 -13.91 6.35
C GLY B 248 -12.71 -14.14 6.64
N LYS B 249 -12.18 -13.44 7.65
CA LYS B 249 -10.75 -13.46 7.93
C LYS B 249 -10.24 -14.86 8.21
N GLU B 250 -11.05 -15.71 8.86
CA GLU B 250 -10.57 -17.06 9.16
C GLU B 250 -10.39 -17.89 7.90
N ASN B 251 -10.85 -17.41 6.75
CA ASN B 251 -10.74 -18.12 5.49
C ASN B 251 -9.79 -17.48 4.49
N TYR B 252 -9.09 -16.41 4.87
CA TYR B 252 -8.20 -15.73 3.93
C TYR B 252 -7.07 -16.62 3.44
N GLU B 253 -6.47 -17.42 4.33
CA GLU B 253 -5.40 -18.30 3.86
C GLU B 253 -5.91 -19.27 2.81
N THR B 254 -7.09 -19.87 3.04
CA THR B 254 -7.70 -20.76 2.05
C THR B 254 -7.90 -20.04 0.72
N PHE B 255 -8.42 -18.82 0.79
CA PHE B 255 -8.64 -18.02 -0.42
C PHE B 255 -7.33 -17.81 -1.19
N PHE B 256 -6.29 -17.30 -0.53
CA PHE B 256 -5.04 -17.00 -1.26
C PHE B 256 -4.35 -18.28 -1.72
N ASN B 257 -4.41 -19.36 -0.93
CA ASN B 257 -3.86 -20.64 -1.38
C ASN B 257 -4.56 -21.12 -2.65
N THR B 258 -5.88 -20.98 -2.69
CA THR B 258 -6.64 -21.41 -3.86
C THR B 258 -6.26 -20.58 -5.09
N VAL B 259 -6.16 -19.26 -4.92
CA VAL B 259 -5.76 -18.41 -6.04
C VAL B 259 -4.36 -18.79 -6.51
N TYR B 260 -3.44 -18.97 -5.56
CA TYR B 260 -2.08 -19.35 -5.94
C TYR B 260 -2.07 -20.63 -6.76
N ARG B 261 -2.88 -21.62 -6.36
CA ARG B 261 -2.87 -22.91 -7.01
C ARG B 261 -3.47 -22.85 -8.41
N VAL B 262 -4.39 -21.93 -8.68
CA VAL B 262 -4.99 -21.87 -10.02
C VAL B 262 -4.32 -20.86 -10.91
N MET B 263 -3.20 -20.26 -10.47
CA MET B 263 -2.46 -19.29 -11.28
C MET B 263 -1.26 -19.92 -11.96
N GLU B 264 -0.97 -19.42 -13.17
CA GLU B 264 0.29 -19.70 -13.83
C GLU B 264 1.41 -18.94 -13.16
N GLU B 265 2.60 -19.54 -13.12
CA GLU B 265 3.78 -18.82 -12.67
C GLU B 265 3.95 -17.54 -13.50
N GLY B 266 4.26 -16.46 -12.81
CA GLY B 266 4.39 -15.15 -13.44
C GLY B 266 3.08 -14.44 -13.69
N GLY B 267 1.96 -15.06 -13.35
CA GLY B 267 0.66 -14.44 -13.51
C GLY B 267 0.48 -13.27 -12.55
N LEU B 268 -0.57 -12.48 -12.83
CA LEU B 268 -0.95 -11.32 -12.04
C LEU B 268 -2.33 -11.52 -11.42
N PHE B 269 -2.48 -11.06 -10.18
CA PHE B 269 -3.73 -11.14 -9.42
C PHE B 269 -4.05 -9.75 -8.89
N LEU B 270 -5.21 -9.20 -9.26
N LEU B 270 -5.20 -9.21 -9.29
CA LEU B 270 -5.65 -7.91 -8.76
CA LEU B 270 -5.69 -7.93 -8.77
C LEU B 270 -6.81 -8.16 -7.80
C LEU B 270 -6.81 -8.22 -7.80
N LEU B 271 -6.60 -7.86 -6.52
CA LEU B 271 -7.59 -8.02 -5.47
C LEU B 271 -8.09 -6.63 -5.06
N HIS B 272 -9.39 -6.41 -5.18
CA HIS B 272 -10.02 -5.14 -4.86
C HIS B 272 -11.04 -5.41 -3.76
N THR B 273 -10.89 -4.73 -2.62
CA THR B 273 -11.78 -4.95 -1.48
C THR B 273 -11.95 -3.66 -0.68
N ILE B 274 -13.11 -3.55 -0.03
CA ILE B 274 -13.23 -2.60 1.08
C ILE B 274 -12.34 -3.06 2.22
N GLY B 275 -11.70 -2.12 2.91
CA GLY B 275 -10.89 -2.46 4.05
C GLY B 275 -10.76 -1.28 5.00
N LYS B 276 -9.98 -1.49 6.05
CA LYS B 276 -9.73 -0.48 7.07
C LYS B 276 -8.23 -0.21 7.18
N LEU B 277 -7.88 0.99 7.67
CA LEU B 277 -6.46 1.28 7.89
C LEU B 277 -5.88 0.39 8.99
N HIS B 278 -6.60 0.25 10.09
CA HIS B 278 -6.25 -0.60 11.23
C HIS B 278 -7.44 -1.48 11.55
N PRO B 279 -7.22 -2.63 12.20
CA PRO B 279 -8.35 -3.49 12.56
C PRO B 279 -9.32 -2.73 13.46
N ASP B 280 -10.62 -2.89 13.20
CA ASP B 280 -11.59 -2.12 13.95
C ASP B 280 -12.93 -2.85 13.99
N THR B 281 -13.85 -2.29 14.78
CA THR B 281 -15.14 -2.92 15.00
C THR B 281 -15.95 -2.96 13.69
N GLN B 282 -16.71 -4.04 13.53
CA GLN B 282 -17.54 -4.24 12.36
C GLN B 282 -18.97 -3.81 12.66
N SER B 283 -19.66 -3.32 11.63
CA SER B 283 -20.99 -2.77 11.81
C SER B 283 -22.00 -3.86 12.15
N ARG B 284 -22.62 -3.75 13.32
CA ARG B 284 -23.64 -4.72 13.70
C ARG B 284 -24.90 -4.56 12.86
N TRP B 285 -25.25 -3.32 12.52
CA TRP B 285 -26.46 -3.08 11.72
C TRP B 285 -26.30 -3.59 10.30
N ILE B 286 -25.12 -3.42 9.69
CA ILE B 286 -24.92 -3.92 8.34
C ILE B 286 -24.96 -5.44 8.31
N ARG B 287 -24.37 -6.08 9.33
CA ARG B 287 -24.38 -7.54 9.38
C ARG B 287 -25.78 -8.09 9.57
N LYS B 288 -26.61 -7.39 10.34
CA LYS B 288 -27.96 -7.89 10.61
C LYS B 288 -28.84 -7.79 9.36
N TYR B 289 -28.73 -6.69 8.62
CA TYR B 289 -29.73 -6.38 7.62
C TYR B 289 -29.26 -6.46 6.18
N ILE B 290 -27.96 -6.29 5.90
CA ILE B 290 -27.46 -6.18 4.53
C ILE B 290 -26.51 -7.32 4.18
N PHE B 291 -25.46 -7.50 4.98
CA PHE B 291 -24.36 -8.43 4.64
C PHE B 291 -24.01 -9.27 5.85
N PRO B 292 -24.82 -10.28 6.17
CA PRO B 292 -24.44 -11.18 7.25
C PRO B 292 -23.16 -11.91 6.87
N GLY B 293 -22.29 -12.08 7.85
CA GLY B 293 -21.02 -12.75 7.60
C GLY B 293 -19.97 -11.88 6.93
N GLY B 294 -20.28 -10.64 6.58
CA GLY B 294 -19.26 -9.78 6.01
C GLY B 294 -18.19 -9.43 7.01
N TYR B 295 -16.97 -9.19 6.52
CA TYR B 295 -15.87 -8.76 7.36
C TYR B 295 -14.96 -7.83 6.57
N LEU B 296 -14.72 -6.63 7.12
CA LEU B 296 -13.86 -5.64 6.47
C LEU B 296 -12.47 -5.66 7.09
N PRO B 297 -11.45 -6.14 6.39
CA PRO B 297 -10.14 -6.34 7.00
C PRO B 297 -9.26 -5.10 6.96
N SER B 298 -8.29 -5.07 7.87
CA SER B 298 -7.26 -4.05 7.81
C SER B 298 -6.21 -4.40 6.75
N ILE B 299 -5.38 -3.41 6.42
CA ILE B 299 -4.23 -3.65 5.54
C ILE B 299 -3.39 -4.81 6.07
N SER B 300 -3.08 -4.79 7.37
CA SER B 300 -2.23 -5.83 7.94
C SER B 300 -2.87 -7.21 7.82
N GLU B 301 -4.21 -7.29 7.98
CA GLU B 301 -4.88 -8.58 7.88
C GLU B 301 -4.92 -9.08 6.44
N ILE B 302 -5.06 -8.17 5.48
CA ILE B 302 -4.98 -8.57 4.08
C ILE B 302 -3.61 -9.12 3.76
N VAL B 303 -2.57 -8.33 4.06
CA VAL B 303 -1.23 -8.69 3.59
C VAL B 303 -0.73 -9.96 4.28
N GLU B 304 -0.95 -10.08 5.59
CA GLU B 304 -0.39 -11.23 6.29
C GLU B 304 -1.16 -12.51 6.03
N SER B 305 -2.32 -12.41 5.34
CA SER B 305 -3.04 -13.59 4.87
C SER B 305 -2.19 -14.46 3.96
N PHE B 306 -1.24 -13.87 3.25
CA PHE B 306 -0.43 -14.64 2.31
C PHE B 306 1.05 -14.63 2.67
N ARG B 307 1.36 -14.53 3.98
CA ARG B 307 2.76 -14.44 4.39
C ARG B 307 3.56 -15.68 4.06
N ASP B 308 2.94 -16.84 3.96
CA ASP B 308 3.71 -18.05 3.71
C ASP B 308 3.73 -18.43 2.23
N MET B 309 3.37 -17.50 1.34
CA MET B 309 3.11 -17.81 -0.06
C MET B 309 3.99 -17.00 -0.99
N ASP B 310 4.27 -17.59 -2.16
CA ASP B 310 5.15 -16.98 -3.17
C ASP B 310 4.39 -15.99 -4.05
N PHE B 311 3.85 -14.95 -3.40
CA PHE B 311 3.29 -13.77 -4.05
C PHE B 311 4.22 -12.58 -3.78
N THR B 312 4.49 -11.81 -4.82
CA THR B 312 5.23 -10.55 -4.72
C THR B 312 4.27 -9.38 -4.94
N LEU B 313 4.43 -8.33 -4.15
CA LEU B 313 3.58 -7.16 -4.27
C LEU B 313 4.07 -6.29 -5.42
N ILE B 314 3.17 -5.97 -6.34
CA ILE B 314 3.50 -5.02 -7.40
C ILE B 314 3.05 -3.63 -6.98
N ASP B 315 1.76 -3.49 -6.68
N ASP B 315 1.77 -3.47 -6.68
CA ASP B 315 1.14 -2.20 -6.44
CA ASP B 315 1.20 -2.14 -6.45
C ASP B 315 0.13 -2.29 -5.32
C ASP B 315 0.05 -2.23 -5.47
N PHE B 316 -0.14 -1.14 -4.70
CA PHE B 316 -1.23 -1.03 -3.73
C PHE B 316 -1.89 0.34 -3.94
N ASP B 317 -3.17 0.32 -4.28
N ASP B 317 -3.20 0.35 -4.20
CA ASP B 317 -3.97 1.52 -4.51
CA ASP B 317 -3.91 1.57 -4.55
C ASP B 317 -4.90 1.80 -3.33
C ASP B 317 -5.07 1.81 -3.59
N ASN B 318 -5.25 3.07 -3.18
CA ASN B 318 -6.30 3.49 -2.26
C ASN B 318 -7.34 4.27 -3.04
N TRP B 319 -8.59 3.79 -3.03
CA TRP B 319 -9.68 4.45 -3.74
C TRP B 319 -10.77 4.97 -2.79
N ARG B 320 -10.46 5.20 -1.52
CA ARG B 320 -11.47 5.52 -0.50
C ARG B 320 -12.59 6.47 -0.96
N MET B 321 -12.22 7.69 -1.38
CA MET B 321 -13.26 8.69 -1.68
C MET B 321 -14.06 8.36 -2.93
N HIS B 322 -13.53 7.49 -3.81
CA HIS B 322 -14.30 7.07 -4.96
C HIS B 322 -15.51 6.25 -4.54
N TYR B 323 -15.45 5.55 -3.41
CA TYR B 323 -16.63 4.77 -3.01
C TYR B 323 -17.69 5.70 -2.43
N TYR B 324 -17.28 6.79 -1.78
CA TYR B 324 -18.26 7.80 -1.39
C TYR B 324 -19.06 8.25 -2.61
N TRP B 325 -18.38 8.63 -3.69
CA TRP B 325 -19.10 9.12 -4.87
C TRP B 325 -19.89 8.01 -5.55
N THR B 326 -19.36 6.79 -5.58
CA THR B 326 -20.12 5.68 -6.14
C THR B 326 -21.45 5.53 -5.42
N LEU B 327 -21.41 5.53 -4.09
CA LEU B 327 -22.62 5.32 -3.30
C LEU B 327 -23.57 6.51 -3.43
N LYS B 328 -23.03 7.72 -3.62
CA LYS B 328 -23.90 8.87 -3.86
C LYS B 328 -24.63 8.75 -5.19
N LYS B 329 -23.92 8.30 -6.23
CA LYS B 329 -24.57 8.12 -7.53
C LYS B 329 -25.62 7.01 -7.47
N TRP B 330 -25.33 5.92 -6.76
CA TRP B 330 -26.32 4.86 -6.61
C TRP B 330 -27.57 5.38 -5.91
N LYS B 331 -27.39 6.17 -4.85
CA LYS B 331 -28.55 6.67 -4.12
C LYS B 331 -29.35 7.65 -4.98
N GLU B 332 -28.66 8.47 -5.78
CA GLU B 332 -29.35 9.36 -6.71
C GLU B 332 -30.27 8.58 -7.63
N ARG B 333 -29.78 7.48 -8.20
CA ARG B 333 -30.57 6.69 -9.13
C ARG B 333 -31.69 5.97 -8.40
N PHE B 334 -31.42 5.51 -7.17
CA PHE B 334 -32.44 4.92 -6.29
C PHE B 334 -33.62 5.88 -6.11
N TYR B 335 -33.34 7.13 -5.74
CA TYR B 335 -34.40 8.12 -5.58
C TYR B 335 -35.11 8.40 -6.91
N GLU B 336 -34.34 8.49 -8.01
CA GLU B 336 -34.96 8.74 -9.31
C GLU B 336 -36.01 7.68 -9.63
N ASN B 337 -35.74 6.43 -9.25
CA ASN B 337 -36.58 5.30 -9.62
C ASN B 337 -37.45 4.82 -8.46
N LEU B 338 -37.70 5.69 -7.49
CA LEU B 338 -38.36 5.27 -6.26
C LEU B 338 -39.75 4.75 -6.53
N ASP B 339 -40.44 5.30 -7.53
CA ASP B 339 -41.80 4.85 -7.83
C ASP B 339 -41.80 3.39 -8.26
N LYS B 340 -40.86 3.01 -9.13
CA LYS B 340 -40.73 1.60 -9.52
C LYS B 340 -40.30 0.75 -8.33
N ILE B 341 -39.40 1.26 -7.50
CA ILE B 341 -38.95 0.47 -6.36
C ILE B 341 -40.07 0.27 -5.35
N ARG B 342 -40.92 1.28 -5.18
CA ARG B 342 -42.06 1.18 -4.28
C ARG B 342 -43.05 0.12 -4.73
N ASN B 343 -43.07 -0.23 -6.01
CA ASN B 343 -43.92 -1.32 -6.48
C ASN B 343 -43.36 -2.68 -6.12
N MET B 344 -42.08 -2.75 -5.72
CA MET B 344 -41.43 -4.00 -5.39
C MET B 344 -41.30 -4.25 -3.90
N PHE B 345 -41.27 -3.21 -3.08
CA PHE B 345 -40.94 -3.34 -1.67
C PHE B 345 -41.82 -2.43 -0.84
N ASP B 346 -42.00 -2.79 0.43
CA ASP B 346 -42.71 -1.89 1.32
C ASP B 346 -41.77 -0.77 1.79
N ASP B 347 -42.32 0.17 2.57
CA ASP B 347 -41.54 1.36 2.91
C ASP B 347 -40.44 1.07 3.91
N ARG B 348 -40.61 0.03 4.75
CA ARG B 348 -39.58 -0.33 5.69
C ARG B 348 -38.31 -0.76 4.97
N PHE B 349 -38.46 -1.62 3.95
CA PHE B 349 -37.29 -2.00 3.18
C PHE B 349 -36.65 -0.79 2.51
N ILE B 350 -37.47 0.09 1.95
CA ILE B 350 -36.93 1.24 1.22
C ILE B 350 -36.13 2.13 2.16
N ARG B 351 -36.65 2.36 3.37
CA ARG B 351 -35.88 3.14 4.35
C ARG B 351 -34.61 2.40 4.79
N MET B 352 -34.69 1.08 4.94
CA MET B 352 -33.50 0.29 5.24
C MET B 352 -32.43 0.49 4.17
N TRP B 353 -32.83 0.42 2.89
CA TRP B 353 -31.87 0.54 1.80
C TRP B 353 -31.31 1.96 1.71
N GLU B 354 -32.17 2.95 1.90
CA GLU B 354 -31.72 4.34 1.95
C GLU B 354 -30.66 4.53 3.03
N LEU B 355 -30.91 3.99 4.23
CA LEU B 355 -29.96 4.13 5.31
C LEU B 355 -28.66 3.38 5.01
N TYR B 356 -28.78 2.19 4.41
CA TYR B 356 -27.58 1.45 4.00
C TYR B 356 -26.71 2.28 3.05
N LEU B 357 -27.30 2.80 1.97
CA LEU B 357 -26.50 3.57 1.01
C LEU B 357 -25.91 4.82 1.65
N THR B 358 -26.69 5.45 2.53
CA THR B 358 -26.23 6.70 3.14
C THR B 358 -25.12 6.46 4.16
N ALA B 359 -25.36 5.57 5.12
CA ALA B 359 -24.38 5.29 6.15
C ALA B 359 -23.11 4.67 5.55
N SER B 360 -23.27 3.84 4.52
CA SER B 360 -22.09 3.28 3.85
C SER B 360 -21.25 4.41 3.25
N ALA B 361 -21.89 5.33 2.54
CA ALA B 361 -21.14 6.46 1.98
C ALA B 361 -20.42 7.24 3.08
N VAL B 362 -21.12 7.49 4.19
CA VAL B 362 -20.52 8.24 5.29
C VAL B 362 -19.27 7.55 5.82
N SER B 363 -19.28 6.20 5.87
CA SER B 363 -18.14 5.51 6.45
C SER B 363 -16.86 5.76 5.67
N PHE B 364 -16.97 5.93 4.36
CA PHE B 364 -15.78 6.29 3.58
C PHE B 364 -15.45 7.77 3.74
N LEU B 365 -16.48 8.61 3.71
CA LEU B 365 -16.27 10.06 3.87
C LEU B 365 -15.49 10.39 5.13
N ILE B 366 -15.82 9.75 6.25
CA ILE B 366 -15.22 10.14 7.53
C ILE B 366 -13.95 9.35 7.82
N GLY B 367 -13.51 8.52 6.89
CA GLY B 367 -12.23 7.86 7.03
C GLY B 367 -12.25 6.55 7.80
N SER B 368 -13.43 5.97 8.03
CA SER B 368 -13.50 4.68 8.71
C SER B 368 -13.21 3.53 7.76
N ASN B 369 -13.74 3.60 6.55
CA ASN B 369 -13.52 2.56 5.55
C ASN B 369 -12.77 3.12 4.36
N TYR B 370 -12.01 2.24 3.72
CA TYR B 370 -11.23 2.51 2.51
C TYR B 370 -11.59 1.47 1.44
N VAL B 371 -11.11 1.70 0.23
CA VAL B 371 -11.08 0.71 -0.83
C VAL B 371 -9.62 0.48 -1.19
N PHE B 372 -9.18 -0.77 -1.17
CA PHE B 372 -7.79 -1.10 -1.48
C PHE B 372 -7.75 -2.01 -2.70
N GLN B 373 -6.87 -1.68 -3.65
CA GLN B 373 -6.55 -2.57 -4.76
C GLN B 373 -5.12 -3.04 -4.59
N THR B 374 -4.94 -4.36 -4.54
CA THR B 374 -3.63 -4.97 -4.36
C THR B 374 -3.31 -5.78 -5.60
N LEU B 375 -2.20 -5.44 -6.26
CA LEU B 375 -1.75 -6.18 -7.43
C LEU B 375 -0.56 -7.04 -7.03
N LEU B 376 -0.71 -8.36 -7.19
CA LEU B 376 0.32 -9.32 -6.81
C LEU B 376 0.76 -10.10 -8.04
N SER B 377 2.01 -10.56 -8.02
CA SER B 377 2.48 -11.51 -9.02
C SER B 377 2.72 -12.86 -8.37
N LYS B 378 2.49 -13.93 -9.12
CA LYS B 378 2.90 -15.26 -8.64
C LYS B 378 4.36 -15.43 -8.98
N GLY B 379 5.21 -15.52 -7.96
CA GLY B 379 6.64 -15.43 -8.14
C GLY B 379 7.12 -13.99 -8.20
N VAL B 380 8.43 -13.83 -8.19
CA VAL B 380 9.02 -12.49 -8.13
C VAL B 380 9.12 -11.96 -9.54
N LYS B 381 8.31 -10.96 -9.85
CA LYS B 381 8.25 -10.35 -11.17
C LYS B 381 9.01 -9.03 -11.11
N ASP B 382 10.04 -8.89 -11.95
CA ASP B 382 10.87 -7.70 -11.91
C ASP B 382 10.71 -6.79 -13.12
N ASP B 383 9.84 -7.14 -14.08
CA ASP B 383 9.73 -6.36 -15.31
C ASP B 383 8.36 -5.72 -15.49
N TYR B 384 7.60 -5.55 -14.40
CA TYR B 384 6.39 -4.76 -14.51
C TYR B 384 6.74 -3.34 -14.96
N PRO B 385 5.96 -2.75 -15.87
CA PRO B 385 6.29 -1.40 -16.37
C PRO B 385 6.34 -0.35 -15.26
N VAL B 386 7.23 0.63 -15.46
CA VAL B 386 7.30 1.77 -14.55
C VAL B 386 6.14 2.73 -14.80
#